data_1BCG
# 
_entry.id   1BCG 
# 
_audit_conform.dict_name       mmcif_pdbx.dic 
_audit_conform.dict_version    5.397 
_audit_conform.dict_location   http://mmcif.pdb.org/dictionaries/ascii/mmcif_pdbx.dic 
# 
loop_
_database_2.database_id 
_database_2.database_code 
_database_2.pdbx_database_accession 
_database_2.pdbx_DOI 
PDB   1BCG         pdb_00001bcg 10.2210/pdb1bcg/pdb 
WWPDB D_1000171588 ?            ?                   
# 
loop_
_pdbx_audit_revision_history.ordinal 
_pdbx_audit_revision_history.data_content_type 
_pdbx_audit_revision_history.major_revision 
_pdbx_audit_revision_history.minor_revision 
_pdbx_audit_revision_history.revision_date 
1 'Structure model' 1 0 1998-11-18 
2 'Structure model' 1 1 2008-03-24 
3 'Structure model' 1 2 2011-07-13 
4 'Structure model' 1 3 2024-10-30 
# 
_pdbx_audit_revision_details.ordinal             1 
_pdbx_audit_revision_details.revision_ordinal    1 
_pdbx_audit_revision_details.data_content_type   'Structure model' 
_pdbx_audit_revision_details.provider            repository 
_pdbx_audit_revision_details.type                'Initial release' 
_pdbx_audit_revision_details.description         ? 
_pdbx_audit_revision_details.details             ? 
# 
loop_
_pdbx_audit_revision_group.ordinal 
_pdbx_audit_revision_group.revision_ordinal 
_pdbx_audit_revision_group.data_content_type 
_pdbx_audit_revision_group.group 
1 2 'Structure model' 'Version format compliance' 
2 3 'Structure model' 'Version format compliance' 
3 4 'Structure model' 'Data collection'           
4 4 'Structure model' 'Database references'       
5 4 'Structure model' 'Structure summary'         
# 
loop_
_pdbx_audit_revision_category.ordinal 
_pdbx_audit_revision_category.revision_ordinal 
_pdbx_audit_revision_category.data_content_type 
_pdbx_audit_revision_category.category 
1 4 'Structure model' chem_comp_atom            
2 4 'Structure model' chem_comp_bond            
3 4 'Structure model' database_2                
4 4 'Structure model' pdbx_entry_details        
5 4 'Structure model' pdbx_modification_feature 
# 
loop_
_pdbx_audit_revision_item.ordinal 
_pdbx_audit_revision_item.revision_ordinal 
_pdbx_audit_revision_item.data_content_type 
_pdbx_audit_revision_item.item 
1 4 'Structure model' '_database_2.pdbx_DOI'                
2 4 'Structure model' '_database_2.pdbx_database_accession' 
# 
_pdbx_database_status.status_code                     REL 
_pdbx_database_status.entry_id                        1BCG 
_pdbx_database_status.recvd_initial_deposition_date   1998-04-29 
_pdbx_database_status.deposit_site                    ? 
_pdbx_database_status.process_site                    BNL 
_pdbx_database_status.status_code_sf                  REL 
_pdbx_database_status.status_code_mr                  ? 
_pdbx_database_status.SG_entry                        ? 
_pdbx_database_status.pdb_format_compatible           Y 
_pdbx_database_status.status_code_cs                  ? 
_pdbx_database_status.status_code_nmr_data            ? 
_pdbx_database_status.methods_development_category    ? 
# 
loop_
_audit_author.name 
_audit_author.pdbx_ordinal 
'Oren, D.'              1 
'Froy, O.'              2 
'Amit, E.'              3 
'Kleinberger-Doron, N.' 4 
'Gurevitz, M.'          5 
'Shaanan, B.'           6 
# 
_citation.id                        primary 
_citation.title                     
;An excitatory scorpion toxin with a distinctive feature: an additional alpha helix at the C terminus and its implications for interaction with insect sodium channels.
;
_citation.journal_abbrev            Structure 
_citation.journal_volume            6 
_citation.page_first                1095 
_citation.page_last                 1103 
_citation.year                      1998 
_citation.journal_id_ASTM           STRUE6 
_citation.country                   UK 
_citation.journal_id_ISSN           0969-2126 
_citation.journal_id_CSD            2005 
_citation.book_publisher            ? 
_citation.pdbx_database_id_PubMed   9753689 
_citation.pdbx_database_id_DOI      '10.1016/S0969-2126(98)00111-7' 
# 
loop_
_citation_author.citation_id 
_citation_author.name 
_citation_author.ordinal 
_citation_author.identifier_ORCID 
primary 'Oren, D.A.'            1 ? 
primary 'Froy, O.'              2 ? 
primary 'Amit, E.'              3 ? 
primary 'Kleinberger-Doron, N.' 4 ? 
primary 'Gurevitz, M.'          5 ? 
primary 'Shaanan, B.'           6 ? 
# 
loop_
_entity.id 
_entity.type 
_entity.src_method 
_entity.pdbx_description 
_entity.formula_weight 
_entity.pdbx_number_of_molecules 
_entity.pdbx_ec 
_entity.pdbx_mutation 
_entity.pdbx_fragment 
_entity.details 
1 polymer nat 'TOXIN BJXTR-IT' 8597.832 1  ? ? ? ? 
2 water   nat water            18.015   72 ? ? ? ? 
# 
_entity_poly.entity_id                      1 
_entity_poly.type                           'polypeptide(L)' 
_entity_poly.nstd_linkage                   no 
_entity_poly.nstd_monomer                   no 
_entity_poly.pdbx_seq_one_letter_code       MKKNGYPLDRNGKTTECSGVNAIAPHYCNSECTKVYYAESGYCCWGACYCFGLEDDKPIGPMKDITKKYCDVQIIPS 
_entity_poly.pdbx_seq_one_letter_code_can   MKKNGYPLDRNGKTTECSGVNAIAPHYCNSECTKVYYAESGYCCWGACYCFGLEDDKPIGPMKDITKKYCDVQIIPS 
_entity_poly.pdbx_strand_id                 A 
_entity_poly.pdbx_target_identifier         ? 
# 
_pdbx_entity_nonpoly.entity_id   2 
_pdbx_entity_nonpoly.name        water 
_pdbx_entity_nonpoly.comp_id     HOH 
# 
loop_
_entity_poly_seq.entity_id 
_entity_poly_seq.num 
_entity_poly_seq.mon_id 
_entity_poly_seq.hetero 
1 1  MET n 
1 2  LYS n 
1 3  LYS n 
1 4  ASN n 
1 5  GLY n 
1 6  TYR n 
1 7  PRO n 
1 8  LEU n 
1 9  ASP n 
1 10 ARG n 
1 11 ASN n 
1 12 GLY n 
1 13 LYS n 
1 14 THR n 
1 15 THR n 
1 16 GLU n 
1 17 CYS n 
1 18 SER n 
1 19 GLY n 
1 20 VAL n 
1 21 ASN n 
1 22 ALA n 
1 23 ILE n 
1 24 ALA n 
1 25 PRO n 
1 26 HIS n 
1 27 TYR n 
1 28 CYS n 
1 29 ASN n 
1 30 SER n 
1 31 GLU n 
1 32 CYS n 
1 33 THR n 
1 34 LYS n 
1 35 VAL n 
1 36 TYR n 
1 37 TYR n 
1 38 ALA n 
1 39 GLU n 
1 40 SER n 
1 41 GLY n 
1 42 TYR n 
1 43 CYS n 
1 44 CYS n 
1 45 TRP n 
1 46 GLY n 
1 47 ALA n 
1 48 CYS n 
1 49 TYR n 
1 50 CYS n 
1 51 PHE n 
1 52 GLY n 
1 53 LEU n 
1 54 GLU n 
1 55 ASP n 
1 56 ASP n 
1 57 LYS n 
1 58 PRO n 
1 59 ILE n 
1 60 GLY n 
1 61 PRO n 
1 62 MET n 
1 63 LYS n 
1 64 ASP n 
1 65 ILE n 
1 66 THR n 
1 67 LYS n 
1 68 LYS n 
1 69 TYR n 
1 70 CYS n 
1 71 ASP n 
1 72 VAL n 
1 73 GLN n 
1 74 ILE n 
1 75 ILE n 
1 76 PRO n 
1 77 SER n 
# 
_entity_src_nat.entity_id                  1 
_entity_src_nat.pdbx_src_id                1 
_entity_src_nat.pdbx_alt_source_flag       sample 
_entity_src_nat.pdbx_beg_seq_num           ? 
_entity_src_nat.pdbx_end_seq_num           ? 
_entity_src_nat.common_name                ? 
_entity_src_nat.pdbx_organism_scientific   'Hottentotta judaicus' 
_entity_src_nat.pdbx_ncbi_taxonomy_id      6863 
_entity_src_nat.genus                      Hottentotta 
_entity_src_nat.species                    ? 
_entity_src_nat.strain                     ? 
_entity_src_nat.tissue                     ? 
_entity_src_nat.tissue_fraction            ? 
_entity_src_nat.pdbx_secretion             ? 
_entity_src_nat.pdbx_fragment              ? 
_entity_src_nat.pdbx_variant               ? 
_entity_src_nat.pdbx_cell_line             ? 
_entity_src_nat.pdbx_atcc                  ? 
_entity_src_nat.pdbx_cellular_location     ? 
_entity_src_nat.pdbx_organ                 ? 
_entity_src_nat.pdbx_organelle             ? 
_entity_src_nat.pdbx_cell                  ? 
_entity_src_nat.pdbx_plasmid_name          ? 
_entity_src_nat.pdbx_plasmid_details       ? 
_entity_src_nat.details                    ? 
# 
loop_
_chem_comp.id 
_chem_comp.type 
_chem_comp.mon_nstd_flag 
_chem_comp.name 
_chem_comp.pdbx_synonyms 
_chem_comp.formula 
_chem_comp.formula_weight 
ALA 'L-peptide linking' y ALANINE         ? 'C3 H7 N O2'     89.093  
ARG 'L-peptide linking' y ARGININE        ? 'C6 H15 N4 O2 1' 175.209 
ASN 'L-peptide linking' y ASPARAGINE      ? 'C4 H8 N2 O3'    132.118 
ASP 'L-peptide linking' y 'ASPARTIC ACID' ? 'C4 H7 N O4'     133.103 
CYS 'L-peptide linking' y CYSTEINE        ? 'C3 H7 N O2 S'   121.158 
GLN 'L-peptide linking' y GLUTAMINE       ? 'C5 H10 N2 O3'   146.144 
GLU 'L-peptide linking' y 'GLUTAMIC ACID' ? 'C5 H9 N O4'     147.129 
GLY 'peptide linking'   y GLYCINE         ? 'C2 H5 N O2'     75.067  
HIS 'L-peptide linking' y HISTIDINE       ? 'C6 H10 N3 O2 1' 156.162 
HOH non-polymer         . WATER           ? 'H2 O'           18.015  
ILE 'L-peptide linking' y ISOLEUCINE      ? 'C6 H13 N O2'    131.173 
LEU 'L-peptide linking' y LEUCINE         ? 'C6 H13 N O2'    131.173 
LYS 'L-peptide linking' y LYSINE          ? 'C6 H15 N2 O2 1' 147.195 
MET 'L-peptide linking' y METHIONINE      ? 'C5 H11 N O2 S'  149.211 
PHE 'L-peptide linking' y PHENYLALANINE   ? 'C9 H11 N O2'    165.189 
PRO 'L-peptide linking' y PROLINE         ? 'C5 H9 N O2'     115.130 
SER 'L-peptide linking' y SERINE          ? 'C3 H7 N O3'     105.093 
THR 'L-peptide linking' y THREONINE       ? 'C4 H9 N O3'     119.119 
TRP 'L-peptide linking' y TRYPTOPHAN      ? 'C11 H12 N2 O2'  204.225 
TYR 'L-peptide linking' y TYROSINE        ? 'C9 H11 N O3'    181.189 
VAL 'L-peptide linking' y VALINE          ? 'C5 H11 N O2'    117.146 
# 
loop_
_pdbx_poly_seq_scheme.asym_id 
_pdbx_poly_seq_scheme.entity_id 
_pdbx_poly_seq_scheme.seq_id 
_pdbx_poly_seq_scheme.mon_id 
_pdbx_poly_seq_scheme.ndb_seq_num 
_pdbx_poly_seq_scheme.pdb_seq_num 
_pdbx_poly_seq_scheme.auth_seq_num 
_pdbx_poly_seq_scheme.pdb_mon_id 
_pdbx_poly_seq_scheme.auth_mon_id 
_pdbx_poly_seq_scheme.pdb_strand_id 
_pdbx_poly_seq_scheme.pdb_ins_code 
_pdbx_poly_seq_scheme.hetero 
A 1 1  MET 1  0  0  MET MET A . n 
A 1 2  LYS 2  1  1  LYS LYS A . n 
A 1 3  LYS 3  2  2  LYS LYS A . n 
A 1 4  ASN 4  3  3  ASN ASN A . n 
A 1 5  GLY 5  4  4  GLY GLY A . n 
A 1 6  TYR 6  5  5  TYR TYR A . n 
A 1 7  PRO 7  6  6  PRO PRO A . n 
A 1 8  LEU 8  7  7  LEU LEU A . n 
A 1 9  ASP 9  8  8  ASP ASP A . n 
A 1 10 ARG 10 9  9  ARG ARG A . n 
A 1 11 ASN 11 10 10 ASN ASN A . n 
A 1 12 GLY 12 11 11 GLY GLY A . n 
A 1 13 LYS 13 12 12 LYS LYS A . n 
A 1 14 THR 14 13 13 THR THR A . n 
A 1 15 THR 15 14 14 THR THR A . n 
A 1 16 GLU 16 15 15 GLU GLU A . n 
A 1 17 CYS 17 16 16 CYS CYS A . n 
A 1 18 SER 18 17 17 SER SER A . n 
A 1 19 GLY 19 18 18 GLY GLY A . n 
A 1 20 VAL 20 19 19 VAL VAL A . n 
A 1 21 ASN 21 20 20 ASN ASN A . n 
A 1 22 ALA 22 21 21 ALA ALA A . n 
A 1 23 ILE 23 22 22 ILE ILE A . n 
A 1 24 ALA 24 23 23 ALA ALA A . n 
A 1 25 PRO 25 24 24 PRO PRO A . n 
A 1 26 HIS 26 25 25 HIS HIS A . n 
A 1 27 TYR 27 26 26 TYR TYR A . n 
A 1 28 CYS 28 27 27 CYS CYS A . n 
A 1 29 ASN 29 28 28 ASN ASN A . n 
A 1 30 SER 30 29 29 SER SER A . n 
A 1 31 GLU 31 30 30 GLU GLU A . n 
A 1 32 CYS 32 31 31 CYS CYS A . n 
A 1 33 THR 33 32 32 THR THR A . n 
A 1 34 LYS 34 33 33 LYS LYS A . n 
A 1 35 VAL 35 34 34 VAL VAL A . n 
A 1 36 TYR 36 35 35 TYR TYR A . n 
A 1 37 TYR 37 36 36 TYR TYR A . n 
A 1 38 ALA 38 37 37 ALA ALA A . n 
A 1 39 GLU 39 38 38 GLU GLU A . n 
A 1 40 SER 40 39 39 SER SER A . n 
A 1 41 GLY 41 40 40 GLY GLY A . n 
A 1 42 TYR 42 41 41 TYR TYR A . n 
A 1 43 CYS 43 42 42 CYS CYS A . n 
A 1 44 CYS 44 43 43 CYS CYS A . n 
A 1 45 TRP 45 44 44 TRP TRP A . n 
A 1 46 GLY 46 45 45 GLY GLY A . n 
A 1 47 ALA 47 46 46 ALA ALA A . n 
A 1 48 CYS 48 47 47 CYS CYS A . n 
A 1 49 TYR 49 48 48 TYR TYR A . n 
A 1 50 CYS 50 49 49 CYS CYS A . n 
A 1 51 PHE 51 50 50 PHE PHE A . n 
A 1 52 GLY 52 51 51 GLY GLY A . n 
A 1 53 LEU 53 52 52 LEU LEU A . n 
A 1 54 GLU 54 53 53 GLU GLU A . n 
A 1 55 ASP 55 54 54 ASP ASP A . n 
A 1 56 ASP 56 55 55 ASP ASP A . n 
A 1 57 LYS 57 56 56 LYS LYS A . n 
A 1 58 PRO 58 57 57 PRO PRO A . n 
A 1 59 ILE 59 58 58 ILE ILE A . n 
A 1 60 GLY 60 59 59 GLY GLY A . n 
A 1 61 PRO 61 60 60 PRO PRO A . n 
A 1 62 MET 62 61 61 MET MET A . n 
A 1 63 LYS 63 62 62 LYS LYS A . n 
A 1 64 ASP 64 63 63 ASP ASP A . n 
A 1 65 ILE 65 64 64 ILE ILE A . n 
A 1 66 THR 66 65 65 THR THR A . n 
A 1 67 LYS 67 66 66 LYS LYS A . n 
A 1 68 LYS 68 67 67 LYS LYS A . n 
A 1 69 TYR 69 68 68 TYR TYR A . n 
A 1 70 CYS 70 69 69 CYS CYS A . n 
A 1 71 ASP 71 70 70 ASP ASP A . n 
A 1 72 VAL 72 71 71 VAL VAL A . n 
A 1 73 GLN 73 72 72 GLN GLN A . n 
A 1 74 ILE 74 73 73 ILE ILE A . n 
A 1 75 ILE 75 74 ?  ?   ?   A . n 
A 1 76 PRO 76 75 ?  ?   ?   A . n 
A 1 77 SER 77 76 ?  ?   ?   A . n 
# 
loop_
_pdbx_nonpoly_scheme.asym_id 
_pdbx_nonpoly_scheme.entity_id 
_pdbx_nonpoly_scheme.mon_id 
_pdbx_nonpoly_scheme.ndb_seq_num 
_pdbx_nonpoly_scheme.pdb_seq_num 
_pdbx_nonpoly_scheme.auth_seq_num 
_pdbx_nonpoly_scheme.pdb_mon_id 
_pdbx_nonpoly_scheme.auth_mon_id 
_pdbx_nonpoly_scheme.pdb_strand_id 
_pdbx_nonpoly_scheme.pdb_ins_code 
B 2 HOH 1  77  1   HOH HOH A . 
B 2 HOH 2  78  2   HOH HOH A . 
B 2 HOH 3  79  3   HOH HOH A . 
B 2 HOH 4  80  4   HOH HOH A . 
B 2 HOH 5  81  5   HOH HOH A . 
B 2 HOH 6  82  6   HOH HOH A . 
B 2 HOH 7  83  7   HOH HOH A . 
B 2 HOH 8  84  8   HOH HOH A . 
B 2 HOH 9  85  9   HOH HOH A . 
B 2 HOH 10 86  10  HOH HOH A . 
B 2 HOH 11 87  11  HOH HOH A . 
B 2 HOH 12 88  12  HOH HOH A . 
B 2 HOH 13 89  13  HOH HOH A . 
B 2 HOH 14 90  14  HOH HOH A . 
B 2 HOH 15 91  15  HOH HOH A . 
B 2 HOH 16 92  16  HOH HOH A . 
B 2 HOH 17 93  17  HOH HOH A . 
B 2 HOH 18 94  18  HOH HOH A . 
B 2 HOH 19 95  19  HOH HOH A . 
B 2 HOH 20 96  20  HOH HOH A . 
B 2 HOH 21 97  21  HOH HOH A . 
B 2 HOH 22 98  22  HOH HOH A . 
B 2 HOH 23 99  24  HOH HOH A . 
B 2 HOH 24 100 25  HOH HOH A . 
B 2 HOH 25 101 26  HOH HOH A . 
B 2 HOH 26 102 27  HOH HOH A . 
B 2 HOH 27 103 29  HOH HOH A . 
B 2 HOH 28 104 30  HOH HOH A . 
B 2 HOH 29 105 31  HOH HOH A . 
B 2 HOH 30 106 32  HOH HOH A . 
B 2 HOH 31 107 33  HOH HOH A . 
B 2 HOH 32 108 34  HOH HOH A . 
B 2 HOH 33 109 35  HOH HOH A . 
B 2 HOH 34 110 36  HOH HOH A . 
B 2 HOH 35 111 39  HOH HOH A . 
B 2 HOH 36 112 40  HOH HOH A . 
B 2 HOH 37 113 42  HOH HOH A . 
B 2 HOH 38 114 43  HOH HOH A . 
B 2 HOH 39 115 46  HOH HOH A . 
B 2 HOH 40 116 47  HOH HOH A . 
B 2 HOH 41 117 49  HOH HOH A . 
B 2 HOH 42 118 50  HOH HOH A . 
B 2 HOH 43 119 51  HOH HOH A . 
B 2 HOH 44 120 52  HOH HOH A . 
B 2 HOH 45 121 53  HOH HOH A . 
B 2 HOH 46 122 102 HOH HOH A . 
B 2 HOH 47 123 108 HOH HOH A . 
B 2 HOH 48 124 112 HOH HOH A . 
B 2 HOH 49 125 113 HOH HOH A . 
B 2 HOH 50 126 121 HOH HOH A . 
B 2 HOH 51 127 125 HOH HOH A . 
B 2 HOH 52 128 127 HOH HOH A . 
B 2 HOH 53 129 129 HOH HOH A . 
B 2 HOH 54 130 130 HOH HOH A . 
B 2 HOH 55 131 131 HOH HOH A . 
B 2 HOH 56 132 136 HOH HOH A . 
B 2 HOH 57 133 137 HOH HOH A . 
B 2 HOH 58 134 139 HOH HOH A . 
B 2 HOH 59 135 140 HOH HOH A . 
B 2 HOH 60 136 147 HOH HOH A . 
B 2 HOH 61 137 149 HOH HOH A . 
B 2 HOH 62 138 161 HOH HOH A . 
B 2 HOH 63 139 162 HOH HOH A . 
B 2 HOH 64 140 163 HOH HOH A . 
B 2 HOH 65 141 172 HOH HOH A . 
B 2 HOH 66 142 179 HOH HOH A . 
B 2 HOH 67 143 187 HOH HOH A . 
B 2 HOH 68 144 195 HOH HOH A . 
B 2 HOH 69 145 196 HOH HOH A . 
B 2 HOH 70 146 204 HOH HOH A . 
B 2 HOH 71 147 205 HOH HOH A . 
B 2 HOH 72 148 227 HOH HOH A . 
# 
loop_
_software.name 
_software.classification 
_software.version 
_software.citation_id 
_software.pdbx_ordinal 
DENZO     'data reduction' .   ? 1 
SCALEPACK 'data scaling'   .   ? 2 
CNS       refinement       0.3 ? 3 
CNS       phasing          0.3 ? 4 
# 
_cell.entry_id           1BCG 
_cell.length_a           40.828 
_cell.length_b           40.828 
_cell.length_c           191.360 
_cell.angle_alpha        90.00 
_cell.angle_beta         90.00 
_cell.angle_gamma        90.00 
_cell.Z_PDB              16 
_cell.pdbx_unique_axis   ? 
# 
_symmetry.entry_id                         1BCG 
_symmetry.space_group_name_H-M             'I 41 2 2' 
_symmetry.pdbx_full_space_group_name_H-M   ? 
_symmetry.cell_setting                     ? 
_symmetry.Int_Tables_number                98 
# 
_exptl.entry_id          1BCG 
_exptl.method            'X-RAY DIFFRACTION' 
_exptl.crystals_number   2 
# 
_exptl_crystal.id                    1 
_exptl_crystal.density_meas          ? 
_exptl_crystal.density_Matthews      2.32 
_exptl_crystal.density_percent_sol   46.92 
_exptl_crystal.description           ? 
# 
_exptl_crystal_grow.crystal_id      1 
_exptl_crystal_grow.method          ? 
_exptl_crystal_grow.temp            ? 
_exptl_crystal_grow.temp_details    ? 
_exptl_crystal_grow.pH              6.5 
_exptl_crystal_grow.pdbx_pH_range   ? 
_exptl_crystal_grow.pdbx_details    'pH 6.5' 
# 
_diffrn.id                     1 
_diffrn.ambient_temp           298 
_diffrn.ambient_temp_details   ? 
_diffrn.crystal_id             1 
# 
_diffrn_detector.diffrn_id              1 
_diffrn_detector.detector               'IMAGE PLATE' 
_diffrn_detector.type                   'RIGAKU RAXIS II' 
_diffrn_detector.pdbx_collection_date   1998-10 
_diffrn_detector.details                'SUPPER MIRRORS' 
# 
_diffrn_radiation.diffrn_id                        1 
_diffrn_radiation.wavelength_id                    1 
_diffrn_radiation.pdbx_monochromatic_or_laue_m_l   M 
_diffrn_radiation.monochromator                    NI 
_diffrn_radiation.pdbx_diffrn_protocol             ? 
_diffrn_radiation.pdbx_scattering_type             x-ray 
# 
_diffrn_radiation_wavelength.id           1 
_diffrn_radiation_wavelength.wavelength   1.5418 
_diffrn_radiation_wavelength.wt           1.0 
# 
_diffrn_source.diffrn_id                   1 
_diffrn_source.source                      'ROTATING ANODE' 
_diffrn_source.type                        'RIGAKU RUH3R' 
_diffrn_source.pdbx_synchrotron_site       ? 
_diffrn_source.pdbx_synchrotron_beamline   ? 
_diffrn_source.pdbx_wavelength             1.5418 
_diffrn_source.pdbx_wavelength_list        ? 
# 
_reflns.entry_id                     1BCG 
_reflns.observed_criterion_sigma_I   2 
_reflns.observed_criterion_sigma_F   ? 
_reflns.d_resolution_low             20 
_reflns.d_resolution_high            2.1 
_reflns.number_obs                   4927 
_reflns.number_all                   ? 
_reflns.percent_possible_obs         96.2 
_reflns.pdbx_Rmerge_I_obs            0.055 
_reflns.pdbx_Rsym_value              ? 
_reflns.pdbx_netI_over_sigmaI        32 
_reflns.B_iso_Wilson_estimate        30.5 
_reflns.pdbx_redundancy              7.5 
_reflns.pdbx_diffrn_id               1 
_reflns.pdbx_ordinal                 1 
# 
_reflns_shell.d_res_high             2.1 
_reflns_shell.d_res_low              2.18 
_reflns_shell.percent_possible_all   79.8 
_reflns_shell.Rmerge_I_obs           0.246 
_reflns_shell.pdbx_Rsym_value        ? 
_reflns_shell.meanI_over_sigI_obs    8.5 
_reflns_shell.pdbx_redundancy        7 
_reflns_shell.pdbx_diffrn_id         ? 
_reflns_shell.pdbx_ordinal           1 
# 
_refine.entry_id                                 1BCG 
_refine.ls_number_reflns_obs                     4786 
_refine.ls_number_reflns_all                     ? 
_refine.pdbx_ls_sigma_I                          ? 
_refine.pdbx_ls_sigma_F                          0.0 
_refine.pdbx_data_cutoff_high_absF               78175926.75 
_refine.pdbx_data_cutoff_low_absF                ? 
_refine.pdbx_data_cutoff_high_rms_absF           ? 
_refine.ls_d_res_low                             20.00 
_refine.ls_d_res_high                            2.10 
_refine.ls_percent_reflns_obs                    96.5 
_refine.ls_R_factor_obs                          0.209 
_refine.ls_R_factor_all                          ? 
_refine.ls_R_factor_R_work                       0.209 
_refine.ls_R_factor_R_free                       0.256 
_refine.ls_R_factor_R_free_error                 0.011 
_refine.ls_R_factor_R_free_error_details         ? 
_refine.ls_percent_reflns_R_free                 10.4 
_refine.ls_number_reflns_R_free                  496 
_refine.ls_number_parameters                     ? 
_refine.ls_number_restraints                     ? 
_refine.occupancy_min                            ? 
_refine.occupancy_max                            ? 
_refine.B_iso_mean                               31.8 
_refine.aniso_B[1][1]                            -2.61 
_refine.aniso_B[2][2]                            -2.61 
_refine.aniso_B[3][3]                            5.23 
_refine.aniso_B[1][2]                            0.00 
_refine.aniso_B[1][3]                            0.00 
_refine.aniso_B[2][3]                            0.00 
_refine.solvent_model_details                    'BULK SOLVENT FLATTENING' 
_refine.solvent_model_param_ksol                 0.31 
_refine.solvent_model_param_bsol                 44.91 
_refine.pdbx_ls_cross_valid_method               THROUGHOUT 
_refine.details                                  ? 
_refine.pdbx_starting_model                      ? 
_refine.pdbx_method_to_determine_struct          SIRAS 
_refine.pdbx_isotropic_thermal_model             RESTRAINED 
_refine.pdbx_stereochemistry_target_values       ? 
_refine.pdbx_stereochem_target_val_spec_case     ? 
_refine.pdbx_R_Free_selection_details            RANDOM 
_refine.pdbx_overall_ESU_R                       ? 
_refine.pdbx_overall_ESU_R_Free                  ? 
_refine.overall_SU_ML                            ? 
_refine.overall_SU_B                             ? 
_refine.pdbx_refine_id                           'X-RAY DIFFRACTION' 
_refine.pdbx_diffrn_id                           1 
_refine.pdbx_TLS_residual_ADP_flag               ? 
_refine.correlation_coeff_Fo_to_Fc               ? 
_refine.correlation_coeff_Fo_to_Fc_free          ? 
_refine.pdbx_solvent_vdw_probe_radii             ? 
_refine.pdbx_solvent_ion_probe_radii             ? 
_refine.pdbx_solvent_shrinkage_radii             ? 
_refine.pdbx_overall_phase_error                 ? 
_refine.overall_SU_R_Cruickshank_DPI             ? 
_refine.pdbx_overall_SU_R_free_Cruickshank_DPI   ? 
_refine.pdbx_overall_SU_R_Blow_DPI               ? 
_refine.pdbx_overall_SU_R_free_Blow_DPI          ? 
# 
_refine_analyze.entry_id                        1BCG 
_refine_analyze.Luzzati_coordinate_error_obs    0.24 
_refine_analyze.Luzzati_sigma_a_obs             0.11 
_refine_analyze.Luzzati_d_res_low_obs           5.00 
_refine_analyze.Luzzati_coordinate_error_free   0.30 
_refine_analyze.Luzzati_sigma_a_free            ? 
_refine_analyze.Luzzati_d_res_low_free          ? 
_refine_analyze.number_disordered_residues      ? 
_refine_analyze.occupancy_sum_hydrogen          ? 
_refine_analyze.occupancy_sum_non_hydrogen      ? 
_refine_analyze.pdbx_refine_id                  'X-RAY DIFFRACTION' 
# 
_refine_hist.pdbx_refine_id                   'X-RAY DIFFRACTION' 
_refine_hist.cycle_id                         LAST 
_refine_hist.pdbx_number_atoms_protein        558 
_refine_hist.pdbx_number_atoms_nucleic_acid   0 
_refine_hist.pdbx_number_atoms_ligand         0 
_refine_hist.number_atoms_solvent             0 
_refine_hist.number_atoms_total               558 
_refine_hist.d_res_high                       2.10 
_refine_hist.d_res_low                        20.00 
# 
loop_
_refine_ls_restr.type 
_refine_ls_restr.dev_ideal 
_refine_ls_restr.dev_ideal_target 
_refine_ls_restr.weight 
_refine_ls_restr.number 
_refine_ls_restr.pdbx_refine_id 
_refine_ls_restr.pdbx_restraint_function 
c_bond_d                0.006 ?    ? ? 'X-RAY DIFFRACTION' ? 
c_bond_d_na             ?     ?    ? ? 'X-RAY DIFFRACTION' ? 
c_bond_d_prot           ?     ?    ? ? 'X-RAY DIFFRACTION' ? 
c_angle_d               ?     ?    ? ? 'X-RAY DIFFRACTION' ? 
c_angle_d_na            ?     ?    ? ? 'X-RAY DIFFRACTION' ? 
c_angle_d_prot          ?     ?    ? ? 'X-RAY DIFFRACTION' ? 
c_angle_deg             1.3   ?    ? ? 'X-RAY DIFFRACTION' ? 
c_angle_deg_na          ?     ?    ? ? 'X-RAY DIFFRACTION' ? 
c_angle_deg_prot        ?     ?    ? ? 'X-RAY DIFFRACTION' ? 
c_dihedral_angle_d      20.9  ?    ? ? 'X-RAY DIFFRACTION' ? 
c_dihedral_angle_d_na   ?     ?    ? ? 'X-RAY DIFFRACTION' ? 
c_dihedral_angle_d_prot ?     ?    ? ? 'X-RAY DIFFRACTION' ? 
c_improper_angle_d      0.82  ?    ? ? 'X-RAY DIFFRACTION' ? 
c_improper_angle_d_na   ?     ?    ? ? 'X-RAY DIFFRACTION' ? 
c_improper_angle_d_prot ?     ?    ? ? 'X-RAY DIFFRACTION' ? 
c_mcbond_it             0.97  1.50 ? ? 'X-RAY DIFFRACTION' ? 
c_mcangle_it            1.70  2.00 ? ? 'X-RAY DIFFRACTION' ? 
c_scbond_it             1.30  2.00 ? ? 'X-RAY DIFFRACTION' ? 
c_scangle_it            2.14  2.50 ? ? 'X-RAY DIFFRACTION' ? 
# 
_refine_ls_shell.pdbx_total_number_of_bins_used   6 
_refine_ls_shell.d_res_high                       2.10 
_refine_ls_shell.d_res_low                        2.23 
_refine_ls_shell.number_reflns_R_work             595 
_refine_ls_shell.R_factor_R_work                  0.231 
_refine_ls_shell.percent_reflns_obs               81.7 
_refine_ls_shell.R_factor_R_free                  0.243 
_refine_ls_shell.R_factor_R_free_error            0.028 
_refine_ls_shell.percent_reflns_R_free            11.5 
_refine_ls_shell.number_reflns_R_free             77 
_refine_ls_shell.pdbx_refine_id                   'X-RAY DIFFRACTION' 
_refine_ls_shell.number_reflns_all                ? 
_refine_ls_shell.R_factor_all                     ? 
# 
loop_
_pdbx_xplor_file.serial_no 
_pdbx_xplor_file.param_file 
_pdbx_xplor_file.topol_file 
_pdbx_xplor_file.pdbx_refine_id 
1 PROTEIN_REP.PARAM PROTEIN.TOP 'X-RAY DIFFRACTION' 
2 WATER_REP.PARAM   WATER.TOP   'X-RAY DIFFRACTION' 
# 
_struct.entry_id                  1BCG 
_struct.title                     'SCORPION TOXIN BJXTR-IT' 
_struct.pdbx_model_details        ? 
_struct.pdbx_CASP_flag            ? 
_struct.pdbx_model_type_details   ? 
# 
_struct_keywords.entry_id        1BCG 
_struct_keywords.pdbx_keywords   'EXCITATORY NEUROTOXIN' 
_struct_keywords.text            'EXCITATORY NEUROTOXIN' 
# 
loop_
_struct_asym.id 
_struct_asym.pdbx_blank_PDB_chainid_flag 
_struct_asym.pdbx_modified 
_struct_asym.entity_id 
_struct_asym.details 
A N N 1 ? 
B N N 2 ? 
# 
_struct_ref.id                         1 
_struct_ref.db_name                    UNP 
_struct_ref.db_code                    SIXE_BUTJU 
_struct_ref.entity_id                  1 
_struct_ref.pdbx_db_accession          P56637 
_struct_ref.pdbx_align_begin           1 
_struct_ref.pdbx_seq_one_letter_code   
;MKFFLMCLIIFPIMGVLGKKNGYPLDRNGKTTECSGVNAIAPHYCNSECTKVYYAESGYCCWGACYCFGLEDDKPIGPMK
DITKKYCDVQIIPS
;
_struct_ref.pdbx_db_isoform            ? 
# 
_struct_ref_seq.align_id                      1 
_struct_ref_seq.ref_id                        1 
_struct_ref_seq.pdbx_PDB_id_code              1BCG 
_struct_ref_seq.pdbx_strand_id                A 
_struct_ref_seq.seq_align_beg                 2 
_struct_ref_seq.pdbx_seq_align_beg_ins_code   ? 
_struct_ref_seq.seq_align_end                 77 
_struct_ref_seq.pdbx_seq_align_end_ins_code   ? 
_struct_ref_seq.pdbx_db_accession             P56637 
_struct_ref_seq.db_align_beg                  19 
_struct_ref_seq.pdbx_db_align_beg_ins_code    ? 
_struct_ref_seq.db_align_end                  94 
_struct_ref_seq.pdbx_db_align_end_ins_code    ? 
_struct_ref_seq.pdbx_auth_seq_align_beg       1 
_struct_ref_seq.pdbx_auth_seq_align_end       76 
# 
_pdbx_struct_assembly.id                   1 
_pdbx_struct_assembly.details              author_defined_assembly 
_pdbx_struct_assembly.method_details       ? 
_pdbx_struct_assembly.oligomeric_details   dimeric 
_pdbx_struct_assembly.oligomeric_count     2 
# 
_pdbx_struct_assembly_gen.assembly_id       1 
_pdbx_struct_assembly_gen.oper_expression   1,2 
_pdbx_struct_assembly_gen.asym_id_list      A,B 
# 
loop_
_pdbx_struct_oper_list.id 
_pdbx_struct_oper_list.type 
_pdbx_struct_oper_list.name 
_pdbx_struct_oper_list.symmetry_operation 
_pdbx_struct_oper_list.matrix[1][1] 
_pdbx_struct_oper_list.matrix[1][2] 
_pdbx_struct_oper_list.matrix[1][3] 
_pdbx_struct_oper_list.vector[1] 
_pdbx_struct_oper_list.matrix[2][1] 
_pdbx_struct_oper_list.matrix[2][2] 
_pdbx_struct_oper_list.matrix[2][3] 
_pdbx_struct_oper_list.vector[2] 
_pdbx_struct_oper_list.matrix[3][1] 
_pdbx_struct_oper_list.matrix[3][2] 
_pdbx_struct_oper_list.matrix[3][3] 
_pdbx_struct_oper_list.vector[3] 
1 'identity operation'         1_555 x,y,z           1.0000000000 0.0000000000 0.0000000000  0.0000000000   0.0000000000 1.0000000000  0.0000000000  0.0000000000 0.0000000000  0.0000000000  1.0000000000  0.0000000000   
2 'crystal symmetry operation' 6_555 x,-y+1/2,-z+1/4 0.2330854757 0.6767750525 -0.6983170407 -13.5628269499 0.6767750525 -0.6285541589 -0.3832690930 9.0178455114 -0.6983170407 -0.3832690930 -0.6045313169 -15.2095272398 
# 
_struct_biol.id   1 
# 
loop_
_struct_conf.conf_type_id 
_struct_conf.id 
_struct_conf.pdbx_PDB_helix_id 
_struct_conf.beg_label_comp_id 
_struct_conf.beg_label_asym_id 
_struct_conf.beg_label_seq_id 
_struct_conf.pdbx_beg_PDB_ins_code 
_struct_conf.end_label_comp_id 
_struct_conf.end_label_asym_id 
_struct_conf.end_label_seq_id 
_struct_conf.pdbx_end_PDB_ins_code 
_struct_conf.beg_auth_comp_id 
_struct_conf.beg_auth_asym_id 
_struct_conf.beg_auth_seq_id 
_struct_conf.end_auth_comp_id 
_struct_conf.end_auth_asym_id 
_struct_conf.end_auth_seq_id 
_struct_conf.pdbx_PDB_helix_class 
_struct_conf.details 
_struct_conf.pdbx_PDB_helix_length 
HELX_P HELX_P1 1 GLY A 19 ? ILE A 23 ? GLY A 18 ILE A 22 5 ? 5 
HELX_P HELX_P2 2 HIS A 26 ? LYS A 34 ? HIS A 25 LYS A 33 1 ? 9 
HELX_P HELX_P3 3 ASP A 64 ? CYS A 70 ? ASP A 63 CYS A 69 1 ? 7 
# 
_struct_conf_type.id          HELX_P 
_struct_conf_type.criteria    ? 
_struct_conf_type.reference   ? 
# 
loop_
_struct_conn.id 
_struct_conn.conn_type_id 
_struct_conn.pdbx_leaving_atom_flag 
_struct_conn.pdbx_PDB_id 
_struct_conn.ptnr1_label_asym_id 
_struct_conn.ptnr1_label_comp_id 
_struct_conn.ptnr1_label_seq_id 
_struct_conn.ptnr1_label_atom_id 
_struct_conn.pdbx_ptnr1_label_alt_id 
_struct_conn.pdbx_ptnr1_PDB_ins_code 
_struct_conn.pdbx_ptnr1_standard_comp_id 
_struct_conn.ptnr1_symmetry 
_struct_conn.ptnr2_label_asym_id 
_struct_conn.ptnr2_label_comp_id 
_struct_conn.ptnr2_label_seq_id 
_struct_conn.ptnr2_label_atom_id 
_struct_conn.pdbx_ptnr2_label_alt_id 
_struct_conn.pdbx_ptnr2_PDB_ins_code 
_struct_conn.ptnr1_auth_asym_id 
_struct_conn.ptnr1_auth_comp_id 
_struct_conn.ptnr1_auth_seq_id 
_struct_conn.ptnr2_auth_asym_id 
_struct_conn.ptnr2_auth_comp_id 
_struct_conn.ptnr2_auth_seq_id 
_struct_conn.ptnr2_symmetry 
_struct_conn.pdbx_ptnr3_label_atom_id 
_struct_conn.pdbx_ptnr3_label_seq_id 
_struct_conn.pdbx_ptnr3_label_comp_id 
_struct_conn.pdbx_ptnr3_label_asym_id 
_struct_conn.pdbx_ptnr3_label_alt_id 
_struct_conn.pdbx_ptnr3_PDB_ins_code 
_struct_conn.details 
_struct_conn.pdbx_dist_value 
_struct_conn.pdbx_value_order 
_struct_conn.pdbx_role 
disulf1 disulf ? ? A CYS 17 SG ? ? ? 1_555 A CYS 43 SG ? ? A CYS 16 A CYS 42 1_555 ? ? ? ? ? ? ? 2.027 ? ? 
disulf2 disulf ? ? A CYS 28 SG ? ? ? 1_555 A CYS 48 SG ? ? A CYS 27 A CYS 47 1_555 ? ? ? ? ? ? ? 2.033 ? ? 
disulf3 disulf ? ? A CYS 32 SG ? ? ? 1_555 A CYS 50 SG ? ? A CYS 31 A CYS 49 1_555 ? ? ? ? ? ? ? 2.026 ? ? 
disulf4 disulf ? ? A CYS 44 SG ? ? ? 1_555 A CYS 70 SG ? ? A CYS 43 A CYS 69 1_555 ? ? ? ? ? ? ? 2.032 ? ? 
# 
_struct_conn_type.id          disulf 
_struct_conn_type.criteria    ? 
_struct_conn_type.reference   ? 
# 
loop_
_pdbx_modification_feature.ordinal 
_pdbx_modification_feature.label_comp_id 
_pdbx_modification_feature.label_asym_id 
_pdbx_modification_feature.label_seq_id 
_pdbx_modification_feature.label_alt_id 
_pdbx_modification_feature.modified_residue_label_comp_id 
_pdbx_modification_feature.modified_residue_label_asym_id 
_pdbx_modification_feature.modified_residue_label_seq_id 
_pdbx_modification_feature.modified_residue_label_alt_id 
_pdbx_modification_feature.auth_comp_id 
_pdbx_modification_feature.auth_asym_id 
_pdbx_modification_feature.auth_seq_id 
_pdbx_modification_feature.PDB_ins_code 
_pdbx_modification_feature.symmetry 
_pdbx_modification_feature.modified_residue_auth_comp_id 
_pdbx_modification_feature.modified_residue_auth_asym_id 
_pdbx_modification_feature.modified_residue_auth_seq_id 
_pdbx_modification_feature.modified_residue_PDB_ins_code 
_pdbx_modification_feature.modified_residue_symmetry 
_pdbx_modification_feature.comp_id_linking_atom 
_pdbx_modification_feature.modified_residue_id_linking_atom 
_pdbx_modification_feature.modified_residue_id 
_pdbx_modification_feature.ref_pcm_id 
_pdbx_modification_feature.ref_comp_id 
_pdbx_modification_feature.type 
_pdbx_modification_feature.category 
1 CYS A 17 ? CYS A 43 ? CYS A 16 ? 1_555 CYS A 42 ? 1_555 SG SG . . . None 'Disulfide bridge' 
2 CYS A 28 ? CYS A 48 ? CYS A 27 ? 1_555 CYS A 47 ? 1_555 SG SG . . . None 'Disulfide bridge' 
3 CYS A 32 ? CYS A 50 ? CYS A 31 ? 1_555 CYS A 49 ? 1_555 SG SG . . . None 'Disulfide bridge' 
4 CYS A 44 ? CYS A 70 ? CYS A 43 ? 1_555 CYS A 69 ? 1_555 SG SG . . . None 'Disulfide bridge' 
# 
_struct_sheet.id               A 
_struct_sheet.type             ? 
_struct_sheet.number_strands   3 
_struct_sheet.details          ? 
# 
loop_
_struct_sheet_order.sheet_id 
_struct_sheet_order.range_id_1 
_struct_sheet_order.range_id_2 
_struct_sheet_order.offset 
_struct_sheet_order.sense 
A 1 2 ? anti-parallel 
A 2 3 ? anti-parallel 
# 
loop_
_struct_sheet_range.sheet_id 
_struct_sheet_range.id 
_struct_sheet_range.beg_label_comp_id 
_struct_sheet_range.beg_label_asym_id 
_struct_sheet_range.beg_label_seq_id 
_struct_sheet_range.pdbx_beg_PDB_ins_code 
_struct_sheet_range.end_label_comp_id 
_struct_sheet_range.end_label_asym_id 
_struct_sheet_range.end_label_seq_id 
_struct_sheet_range.pdbx_end_PDB_ins_code 
_struct_sheet_range.beg_auth_comp_id 
_struct_sheet_range.beg_auth_asym_id 
_struct_sheet_range.beg_auth_seq_id 
_struct_sheet_range.end_auth_comp_id 
_struct_sheet_range.end_auth_asym_id 
_struct_sheet_range.end_auth_seq_id 
A 1 LYS A 2  ? PRO A 7  ? LYS A 1  PRO A 6  
A 2 ALA A 47 ? PHE A 51 ? ALA A 46 PHE A 50 
A 3 SER A 40 ? CYS A 44 ? SER A 39 CYS A 43 
# 
_pdbx_struct_sheet_hbond.sheet_id                A 
_pdbx_struct_sheet_hbond.range_id_1              2 
_pdbx_struct_sheet_hbond.range_id_2              3 
_pdbx_struct_sheet_hbond.range_1_label_atom_id   N 
_pdbx_struct_sheet_hbond.range_1_label_comp_id   PHE 
_pdbx_struct_sheet_hbond.range_1_label_asym_id   A 
_pdbx_struct_sheet_hbond.range_1_label_seq_id    51 
_pdbx_struct_sheet_hbond.range_1_PDB_ins_code    ? 
_pdbx_struct_sheet_hbond.range_1_auth_atom_id    N 
_pdbx_struct_sheet_hbond.range_1_auth_comp_id    PHE 
_pdbx_struct_sheet_hbond.range_1_auth_asym_id    A 
_pdbx_struct_sheet_hbond.range_1_auth_seq_id     50 
_pdbx_struct_sheet_hbond.range_2_label_atom_id   O 
_pdbx_struct_sheet_hbond.range_2_label_comp_id   SER 
_pdbx_struct_sheet_hbond.range_2_label_asym_id   A 
_pdbx_struct_sheet_hbond.range_2_label_seq_id    40 
_pdbx_struct_sheet_hbond.range_2_PDB_ins_code    ? 
_pdbx_struct_sheet_hbond.range_2_auth_atom_id    O 
_pdbx_struct_sheet_hbond.range_2_auth_comp_id    SER 
_pdbx_struct_sheet_hbond.range_2_auth_asym_id    A 
_pdbx_struct_sheet_hbond.range_2_auth_seq_id     39 
# 
_pdbx_entry_details.entry_id                   1BCG 
_pdbx_entry_details.compound_details           ? 
_pdbx_entry_details.source_details             ? 
_pdbx_entry_details.nonpolymer_details         ? 
_pdbx_entry_details.sequence_details           ? 
_pdbx_entry_details.has_ligand_of_interest     ? 
_pdbx_entry_details.has_protein_modification   Y 
# 
loop_
_pdbx_validate_close_contact.id 
_pdbx_validate_close_contact.PDB_model_num 
_pdbx_validate_close_contact.auth_atom_id_1 
_pdbx_validate_close_contact.auth_asym_id_1 
_pdbx_validate_close_contact.auth_comp_id_1 
_pdbx_validate_close_contact.auth_seq_id_1 
_pdbx_validate_close_contact.PDB_ins_code_1 
_pdbx_validate_close_contact.label_alt_id_1 
_pdbx_validate_close_contact.auth_atom_id_2 
_pdbx_validate_close_contact.auth_asym_id_2 
_pdbx_validate_close_contact.auth_comp_id_2 
_pdbx_validate_close_contact.auth_seq_id_2 
_pdbx_validate_close_contact.PDB_ins_code_2 
_pdbx_validate_close_contact.label_alt_id_2 
_pdbx_validate_close_contact.dist 
1 1 O A HOH 116 ? ? O A HOH 137 ? ? 1.95 
2 1 O A HOH 94  ? ? O A HOH 146 ? ? 2.19 
3 1 O A HOH 97  ? ? O A HOH 132 ? ? 2.19 
# 
loop_
_pdbx_validate_torsion.id 
_pdbx_validate_torsion.PDB_model_num 
_pdbx_validate_torsion.auth_comp_id 
_pdbx_validate_torsion.auth_asym_id 
_pdbx_validate_torsion.auth_seq_id 
_pdbx_validate_torsion.PDB_ins_code 
_pdbx_validate_torsion.label_alt_id 
_pdbx_validate_torsion.phi 
_pdbx_validate_torsion.psi 
1 1 SER A 39 ? ? -173.02 -177.60 
2 1 ASP A 70 ? ? -68.78  93.30   
3 1 GLN A 72 ? ? 99.62   -45.65  
# 
loop_
_pdbx_struct_special_symmetry.id 
_pdbx_struct_special_symmetry.PDB_model_num 
_pdbx_struct_special_symmetry.auth_asym_id 
_pdbx_struct_special_symmetry.auth_comp_id 
_pdbx_struct_special_symmetry.auth_seq_id 
_pdbx_struct_special_symmetry.PDB_ins_code 
_pdbx_struct_special_symmetry.label_asym_id 
_pdbx_struct_special_symmetry.label_comp_id 
_pdbx_struct_special_symmetry.label_seq_id 
1 1 A HOH 77  ? B HOH . 
2 1 A HOH 105 ? B HOH . 
3 1 A HOH 145 ? B HOH . 
# 
loop_
_pdbx_unobs_or_zero_occ_residues.id 
_pdbx_unobs_or_zero_occ_residues.PDB_model_num 
_pdbx_unobs_or_zero_occ_residues.polymer_flag 
_pdbx_unobs_or_zero_occ_residues.occupancy_flag 
_pdbx_unobs_or_zero_occ_residues.auth_asym_id 
_pdbx_unobs_or_zero_occ_residues.auth_comp_id 
_pdbx_unobs_or_zero_occ_residues.auth_seq_id 
_pdbx_unobs_or_zero_occ_residues.PDB_ins_code 
_pdbx_unobs_or_zero_occ_residues.label_asym_id 
_pdbx_unobs_or_zero_occ_residues.label_comp_id 
_pdbx_unobs_or_zero_occ_residues.label_seq_id 
1 1 Y 1 A ILE 74 ? A ILE 75 
2 1 Y 1 A PRO 75 ? A PRO 76 
3 1 Y 1 A SER 76 ? A SER 77 
# 
loop_
_chem_comp_atom.comp_id 
_chem_comp_atom.atom_id 
_chem_comp_atom.type_symbol 
_chem_comp_atom.pdbx_aromatic_flag 
_chem_comp_atom.pdbx_stereo_config 
_chem_comp_atom.pdbx_ordinal 
ALA N    N N N 1   
ALA CA   C N S 2   
ALA C    C N N 3   
ALA O    O N N 4   
ALA CB   C N N 5   
ALA OXT  O N N 6   
ALA H    H N N 7   
ALA H2   H N N 8   
ALA HA   H N N 9   
ALA HB1  H N N 10  
ALA HB2  H N N 11  
ALA HB3  H N N 12  
ALA HXT  H N N 13  
ARG N    N N N 14  
ARG CA   C N S 15  
ARG C    C N N 16  
ARG O    O N N 17  
ARG CB   C N N 18  
ARG CG   C N N 19  
ARG CD   C N N 20  
ARG NE   N N N 21  
ARG CZ   C N N 22  
ARG NH1  N N N 23  
ARG NH2  N N N 24  
ARG OXT  O N N 25  
ARG H    H N N 26  
ARG H2   H N N 27  
ARG HA   H N N 28  
ARG HB2  H N N 29  
ARG HB3  H N N 30  
ARG HG2  H N N 31  
ARG HG3  H N N 32  
ARG HD2  H N N 33  
ARG HD3  H N N 34  
ARG HE   H N N 35  
ARG HH11 H N N 36  
ARG HH12 H N N 37  
ARG HH21 H N N 38  
ARG HH22 H N N 39  
ARG HXT  H N N 40  
ASN N    N N N 41  
ASN CA   C N S 42  
ASN C    C N N 43  
ASN O    O N N 44  
ASN CB   C N N 45  
ASN CG   C N N 46  
ASN OD1  O N N 47  
ASN ND2  N N N 48  
ASN OXT  O N N 49  
ASN H    H N N 50  
ASN H2   H N N 51  
ASN HA   H N N 52  
ASN HB2  H N N 53  
ASN HB3  H N N 54  
ASN HD21 H N N 55  
ASN HD22 H N N 56  
ASN HXT  H N N 57  
ASP N    N N N 58  
ASP CA   C N S 59  
ASP C    C N N 60  
ASP O    O N N 61  
ASP CB   C N N 62  
ASP CG   C N N 63  
ASP OD1  O N N 64  
ASP OD2  O N N 65  
ASP OXT  O N N 66  
ASP H    H N N 67  
ASP H2   H N N 68  
ASP HA   H N N 69  
ASP HB2  H N N 70  
ASP HB3  H N N 71  
ASP HD2  H N N 72  
ASP HXT  H N N 73  
CYS N    N N N 74  
CYS CA   C N R 75  
CYS C    C N N 76  
CYS O    O N N 77  
CYS CB   C N N 78  
CYS SG   S N N 79  
CYS OXT  O N N 80  
CYS H    H N N 81  
CYS H2   H N N 82  
CYS HA   H N N 83  
CYS HB2  H N N 84  
CYS HB3  H N N 85  
CYS HG   H N N 86  
CYS HXT  H N N 87  
GLN N    N N N 88  
GLN CA   C N S 89  
GLN C    C N N 90  
GLN O    O N N 91  
GLN CB   C N N 92  
GLN CG   C N N 93  
GLN CD   C N N 94  
GLN OE1  O N N 95  
GLN NE2  N N N 96  
GLN OXT  O N N 97  
GLN H    H N N 98  
GLN H2   H N N 99  
GLN HA   H N N 100 
GLN HB2  H N N 101 
GLN HB3  H N N 102 
GLN HG2  H N N 103 
GLN HG3  H N N 104 
GLN HE21 H N N 105 
GLN HE22 H N N 106 
GLN HXT  H N N 107 
GLU N    N N N 108 
GLU CA   C N S 109 
GLU C    C N N 110 
GLU O    O N N 111 
GLU CB   C N N 112 
GLU CG   C N N 113 
GLU CD   C N N 114 
GLU OE1  O N N 115 
GLU OE2  O N N 116 
GLU OXT  O N N 117 
GLU H    H N N 118 
GLU H2   H N N 119 
GLU HA   H N N 120 
GLU HB2  H N N 121 
GLU HB3  H N N 122 
GLU HG2  H N N 123 
GLU HG3  H N N 124 
GLU HE2  H N N 125 
GLU HXT  H N N 126 
GLY N    N N N 127 
GLY CA   C N N 128 
GLY C    C N N 129 
GLY O    O N N 130 
GLY OXT  O N N 131 
GLY H    H N N 132 
GLY H2   H N N 133 
GLY HA2  H N N 134 
GLY HA3  H N N 135 
GLY HXT  H N N 136 
HIS N    N N N 137 
HIS CA   C N S 138 
HIS C    C N N 139 
HIS O    O N N 140 
HIS CB   C N N 141 
HIS CG   C Y N 142 
HIS ND1  N Y N 143 
HIS CD2  C Y N 144 
HIS CE1  C Y N 145 
HIS NE2  N Y N 146 
HIS OXT  O N N 147 
HIS H    H N N 148 
HIS H2   H N N 149 
HIS HA   H N N 150 
HIS HB2  H N N 151 
HIS HB3  H N N 152 
HIS HD1  H N N 153 
HIS HD2  H N N 154 
HIS HE1  H N N 155 
HIS HE2  H N N 156 
HIS HXT  H N N 157 
HOH O    O N N 158 
HOH H1   H N N 159 
HOH H2   H N N 160 
ILE N    N N N 161 
ILE CA   C N S 162 
ILE C    C N N 163 
ILE O    O N N 164 
ILE CB   C N S 165 
ILE CG1  C N N 166 
ILE CG2  C N N 167 
ILE CD1  C N N 168 
ILE OXT  O N N 169 
ILE H    H N N 170 
ILE H2   H N N 171 
ILE HA   H N N 172 
ILE HB   H N N 173 
ILE HG12 H N N 174 
ILE HG13 H N N 175 
ILE HG21 H N N 176 
ILE HG22 H N N 177 
ILE HG23 H N N 178 
ILE HD11 H N N 179 
ILE HD12 H N N 180 
ILE HD13 H N N 181 
ILE HXT  H N N 182 
LEU N    N N N 183 
LEU CA   C N S 184 
LEU C    C N N 185 
LEU O    O N N 186 
LEU CB   C N N 187 
LEU CG   C N N 188 
LEU CD1  C N N 189 
LEU CD2  C N N 190 
LEU OXT  O N N 191 
LEU H    H N N 192 
LEU H2   H N N 193 
LEU HA   H N N 194 
LEU HB2  H N N 195 
LEU HB3  H N N 196 
LEU HG   H N N 197 
LEU HD11 H N N 198 
LEU HD12 H N N 199 
LEU HD13 H N N 200 
LEU HD21 H N N 201 
LEU HD22 H N N 202 
LEU HD23 H N N 203 
LEU HXT  H N N 204 
LYS N    N N N 205 
LYS CA   C N S 206 
LYS C    C N N 207 
LYS O    O N N 208 
LYS CB   C N N 209 
LYS CG   C N N 210 
LYS CD   C N N 211 
LYS CE   C N N 212 
LYS NZ   N N N 213 
LYS OXT  O N N 214 
LYS H    H N N 215 
LYS H2   H N N 216 
LYS HA   H N N 217 
LYS HB2  H N N 218 
LYS HB3  H N N 219 
LYS HG2  H N N 220 
LYS HG3  H N N 221 
LYS HD2  H N N 222 
LYS HD3  H N N 223 
LYS HE2  H N N 224 
LYS HE3  H N N 225 
LYS HZ1  H N N 226 
LYS HZ2  H N N 227 
LYS HZ3  H N N 228 
LYS HXT  H N N 229 
MET N    N N N 230 
MET CA   C N S 231 
MET C    C N N 232 
MET O    O N N 233 
MET CB   C N N 234 
MET CG   C N N 235 
MET SD   S N N 236 
MET CE   C N N 237 
MET OXT  O N N 238 
MET H    H N N 239 
MET H2   H N N 240 
MET HA   H N N 241 
MET HB2  H N N 242 
MET HB3  H N N 243 
MET HG2  H N N 244 
MET HG3  H N N 245 
MET HE1  H N N 246 
MET HE2  H N N 247 
MET HE3  H N N 248 
MET HXT  H N N 249 
PHE N    N N N 250 
PHE CA   C N S 251 
PHE C    C N N 252 
PHE O    O N N 253 
PHE CB   C N N 254 
PHE CG   C Y N 255 
PHE CD1  C Y N 256 
PHE CD2  C Y N 257 
PHE CE1  C Y N 258 
PHE CE2  C Y N 259 
PHE CZ   C Y N 260 
PHE OXT  O N N 261 
PHE H    H N N 262 
PHE H2   H N N 263 
PHE HA   H N N 264 
PHE HB2  H N N 265 
PHE HB3  H N N 266 
PHE HD1  H N N 267 
PHE HD2  H N N 268 
PHE HE1  H N N 269 
PHE HE2  H N N 270 
PHE HZ   H N N 271 
PHE HXT  H N N 272 
PRO N    N N N 273 
PRO CA   C N S 274 
PRO C    C N N 275 
PRO O    O N N 276 
PRO CB   C N N 277 
PRO CG   C N N 278 
PRO CD   C N N 279 
PRO OXT  O N N 280 
PRO H    H N N 281 
PRO HA   H N N 282 
PRO HB2  H N N 283 
PRO HB3  H N N 284 
PRO HG2  H N N 285 
PRO HG3  H N N 286 
PRO HD2  H N N 287 
PRO HD3  H N N 288 
PRO HXT  H N N 289 
SER N    N N N 290 
SER CA   C N S 291 
SER C    C N N 292 
SER O    O N N 293 
SER CB   C N N 294 
SER OG   O N N 295 
SER OXT  O N N 296 
SER H    H N N 297 
SER H2   H N N 298 
SER HA   H N N 299 
SER HB2  H N N 300 
SER HB3  H N N 301 
SER HG   H N N 302 
SER HXT  H N N 303 
THR N    N N N 304 
THR CA   C N S 305 
THR C    C N N 306 
THR O    O N N 307 
THR CB   C N R 308 
THR OG1  O N N 309 
THR CG2  C N N 310 
THR OXT  O N N 311 
THR H    H N N 312 
THR H2   H N N 313 
THR HA   H N N 314 
THR HB   H N N 315 
THR HG1  H N N 316 
THR HG21 H N N 317 
THR HG22 H N N 318 
THR HG23 H N N 319 
THR HXT  H N N 320 
TRP N    N N N 321 
TRP CA   C N S 322 
TRP C    C N N 323 
TRP O    O N N 324 
TRP CB   C N N 325 
TRP CG   C Y N 326 
TRP CD1  C Y N 327 
TRP CD2  C Y N 328 
TRP NE1  N Y N 329 
TRP CE2  C Y N 330 
TRP CE3  C Y N 331 
TRP CZ2  C Y N 332 
TRP CZ3  C Y N 333 
TRP CH2  C Y N 334 
TRP OXT  O N N 335 
TRP H    H N N 336 
TRP H2   H N N 337 
TRP HA   H N N 338 
TRP HB2  H N N 339 
TRP HB3  H N N 340 
TRP HD1  H N N 341 
TRP HE1  H N N 342 
TRP HE3  H N N 343 
TRP HZ2  H N N 344 
TRP HZ3  H N N 345 
TRP HH2  H N N 346 
TRP HXT  H N N 347 
TYR N    N N N 348 
TYR CA   C N S 349 
TYR C    C N N 350 
TYR O    O N N 351 
TYR CB   C N N 352 
TYR CG   C Y N 353 
TYR CD1  C Y N 354 
TYR CD2  C Y N 355 
TYR CE1  C Y N 356 
TYR CE2  C Y N 357 
TYR CZ   C Y N 358 
TYR OH   O N N 359 
TYR OXT  O N N 360 
TYR H    H N N 361 
TYR H2   H N N 362 
TYR HA   H N N 363 
TYR HB2  H N N 364 
TYR HB3  H N N 365 
TYR HD1  H N N 366 
TYR HD2  H N N 367 
TYR HE1  H N N 368 
TYR HE2  H N N 369 
TYR HH   H N N 370 
TYR HXT  H N N 371 
VAL N    N N N 372 
VAL CA   C N S 373 
VAL C    C N N 374 
VAL O    O N N 375 
VAL CB   C N N 376 
VAL CG1  C N N 377 
VAL CG2  C N N 378 
VAL OXT  O N N 379 
VAL H    H N N 380 
VAL H2   H N N 381 
VAL HA   H N N 382 
VAL HB   H N N 383 
VAL HG11 H N N 384 
VAL HG12 H N N 385 
VAL HG13 H N N 386 
VAL HG21 H N N 387 
VAL HG22 H N N 388 
VAL HG23 H N N 389 
VAL HXT  H N N 390 
# 
loop_
_chem_comp_bond.comp_id 
_chem_comp_bond.atom_id_1 
_chem_comp_bond.atom_id_2 
_chem_comp_bond.value_order 
_chem_comp_bond.pdbx_aromatic_flag 
_chem_comp_bond.pdbx_stereo_config 
_chem_comp_bond.pdbx_ordinal 
ALA N   CA   sing N N 1   
ALA N   H    sing N N 2   
ALA N   H2   sing N N 3   
ALA CA  C    sing N N 4   
ALA CA  CB   sing N N 5   
ALA CA  HA   sing N N 6   
ALA C   O    doub N N 7   
ALA C   OXT  sing N N 8   
ALA CB  HB1  sing N N 9   
ALA CB  HB2  sing N N 10  
ALA CB  HB3  sing N N 11  
ALA OXT HXT  sing N N 12  
ARG N   CA   sing N N 13  
ARG N   H    sing N N 14  
ARG N   H2   sing N N 15  
ARG CA  C    sing N N 16  
ARG CA  CB   sing N N 17  
ARG CA  HA   sing N N 18  
ARG C   O    doub N N 19  
ARG C   OXT  sing N N 20  
ARG CB  CG   sing N N 21  
ARG CB  HB2  sing N N 22  
ARG CB  HB3  sing N N 23  
ARG CG  CD   sing N N 24  
ARG CG  HG2  sing N N 25  
ARG CG  HG3  sing N N 26  
ARG CD  NE   sing N N 27  
ARG CD  HD2  sing N N 28  
ARG CD  HD3  sing N N 29  
ARG NE  CZ   sing N N 30  
ARG NE  HE   sing N N 31  
ARG CZ  NH1  sing N N 32  
ARG CZ  NH2  doub N N 33  
ARG NH1 HH11 sing N N 34  
ARG NH1 HH12 sing N N 35  
ARG NH2 HH21 sing N N 36  
ARG NH2 HH22 sing N N 37  
ARG OXT HXT  sing N N 38  
ASN N   CA   sing N N 39  
ASN N   H    sing N N 40  
ASN N   H2   sing N N 41  
ASN CA  C    sing N N 42  
ASN CA  CB   sing N N 43  
ASN CA  HA   sing N N 44  
ASN C   O    doub N N 45  
ASN C   OXT  sing N N 46  
ASN CB  CG   sing N N 47  
ASN CB  HB2  sing N N 48  
ASN CB  HB3  sing N N 49  
ASN CG  OD1  doub N N 50  
ASN CG  ND2  sing N N 51  
ASN ND2 HD21 sing N N 52  
ASN ND2 HD22 sing N N 53  
ASN OXT HXT  sing N N 54  
ASP N   CA   sing N N 55  
ASP N   H    sing N N 56  
ASP N   H2   sing N N 57  
ASP CA  C    sing N N 58  
ASP CA  CB   sing N N 59  
ASP CA  HA   sing N N 60  
ASP C   O    doub N N 61  
ASP C   OXT  sing N N 62  
ASP CB  CG   sing N N 63  
ASP CB  HB2  sing N N 64  
ASP CB  HB3  sing N N 65  
ASP CG  OD1  doub N N 66  
ASP CG  OD2  sing N N 67  
ASP OD2 HD2  sing N N 68  
ASP OXT HXT  sing N N 69  
CYS N   CA   sing N N 70  
CYS N   H    sing N N 71  
CYS N   H2   sing N N 72  
CYS CA  C    sing N N 73  
CYS CA  CB   sing N N 74  
CYS CA  HA   sing N N 75  
CYS C   O    doub N N 76  
CYS C   OXT  sing N N 77  
CYS CB  SG   sing N N 78  
CYS CB  HB2  sing N N 79  
CYS CB  HB3  sing N N 80  
CYS SG  HG   sing N N 81  
CYS OXT HXT  sing N N 82  
GLN N   CA   sing N N 83  
GLN N   H    sing N N 84  
GLN N   H2   sing N N 85  
GLN CA  C    sing N N 86  
GLN CA  CB   sing N N 87  
GLN CA  HA   sing N N 88  
GLN C   O    doub N N 89  
GLN C   OXT  sing N N 90  
GLN CB  CG   sing N N 91  
GLN CB  HB2  sing N N 92  
GLN CB  HB3  sing N N 93  
GLN CG  CD   sing N N 94  
GLN CG  HG2  sing N N 95  
GLN CG  HG3  sing N N 96  
GLN CD  OE1  doub N N 97  
GLN CD  NE2  sing N N 98  
GLN NE2 HE21 sing N N 99  
GLN NE2 HE22 sing N N 100 
GLN OXT HXT  sing N N 101 
GLU N   CA   sing N N 102 
GLU N   H    sing N N 103 
GLU N   H2   sing N N 104 
GLU CA  C    sing N N 105 
GLU CA  CB   sing N N 106 
GLU CA  HA   sing N N 107 
GLU C   O    doub N N 108 
GLU C   OXT  sing N N 109 
GLU CB  CG   sing N N 110 
GLU CB  HB2  sing N N 111 
GLU CB  HB3  sing N N 112 
GLU CG  CD   sing N N 113 
GLU CG  HG2  sing N N 114 
GLU CG  HG3  sing N N 115 
GLU CD  OE1  doub N N 116 
GLU CD  OE2  sing N N 117 
GLU OE2 HE2  sing N N 118 
GLU OXT HXT  sing N N 119 
GLY N   CA   sing N N 120 
GLY N   H    sing N N 121 
GLY N   H2   sing N N 122 
GLY CA  C    sing N N 123 
GLY CA  HA2  sing N N 124 
GLY CA  HA3  sing N N 125 
GLY C   O    doub N N 126 
GLY C   OXT  sing N N 127 
GLY OXT HXT  sing N N 128 
HIS N   CA   sing N N 129 
HIS N   H    sing N N 130 
HIS N   H2   sing N N 131 
HIS CA  C    sing N N 132 
HIS CA  CB   sing N N 133 
HIS CA  HA   sing N N 134 
HIS C   O    doub N N 135 
HIS C   OXT  sing N N 136 
HIS CB  CG   sing N N 137 
HIS CB  HB2  sing N N 138 
HIS CB  HB3  sing N N 139 
HIS CG  ND1  sing Y N 140 
HIS CG  CD2  doub Y N 141 
HIS ND1 CE1  doub Y N 142 
HIS ND1 HD1  sing N N 143 
HIS CD2 NE2  sing Y N 144 
HIS CD2 HD2  sing N N 145 
HIS CE1 NE2  sing Y N 146 
HIS CE1 HE1  sing N N 147 
HIS NE2 HE2  sing N N 148 
HIS OXT HXT  sing N N 149 
HOH O   H1   sing N N 150 
HOH O   H2   sing N N 151 
ILE N   CA   sing N N 152 
ILE N   H    sing N N 153 
ILE N   H2   sing N N 154 
ILE CA  C    sing N N 155 
ILE CA  CB   sing N N 156 
ILE CA  HA   sing N N 157 
ILE C   O    doub N N 158 
ILE C   OXT  sing N N 159 
ILE CB  CG1  sing N N 160 
ILE CB  CG2  sing N N 161 
ILE CB  HB   sing N N 162 
ILE CG1 CD1  sing N N 163 
ILE CG1 HG12 sing N N 164 
ILE CG1 HG13 sing N N 165 
ILE CG2 HG21 sing N N 166 
ILE CG2 HG22 sing N N 167 
ILE CG2 HG23 sing N N 168 
ILE CD1 HD11 sing N N 169 
ILE CD1 HD12 sing N N 170 
ILE CD1 HD13 sing N N 171 
ILE OXT HXT  sing N N 172 
LEU N   CA   sing N N 173 
LEU N   H    sing N N 174 
LEU N   H2   sing N N 175 
LEU CA  C    sing N N 176 
LEU CA  CB   sing N N 177 
LEU CA  HA   sing N N 178 
LEU C   O    doub N N 179 
LEU C   OXT  sing N N 180 
LEU CB  CG   sing N N 181 
LEU CB  HB2  sing N N 182 
LEU CB  HB3  sing N N 183 
LEU CG  CD1  sing N N 184 
LEU CG  CD2  sing N N 185 
LEU CG  HG   sing N N 186 
LEU CD1 HD11 sing N N 187 
LEU CD1 HD12 sing N N 188 
LEU CD1 HD13 sing N N 189 
LEU CD2 HD21 sing N N 190 
LEU CD2 HD22 sing N N 191 
LEU CD2 HD23 sing N N 192 
LEU OXT HXT  sing N N 193 
LYS N   CA   sing N N 194 
LYS N   H    sing N N 195 
LYS N   H2   sing N N 196 
LYS CA  C    sing N N 197 
LYS CA  CB   sing N N 198 
LYS CA  HA   sing N N 199 
LYS C   O    doub N N 200 
LYS C   OXT  sing N N 201 
LYS CB  CG   sing N N 202 
LYS CB  HB2  sing N N 203 
LYS CB  HB3  sing N N 204 
LYS CG  CD   sing N N 205 
LYS CG  HG2  sing N N 206 
LYS CG  HG3  sing N N 207 
LYS CD  CE   sing N N 208 
LYS CD  HD2  sing N N 209 
LYS CD  HD3  sing N N 210 
LYS CE  NZ   sing N N 211 
LYS CE  HE2  sing N N 212 
LYS CE  HE3  sing N N 213 
LYS NZ  HZ1  sing N N 214 
LYS NZ  HZ2  sing N N 215 
LYS NZ  HZ3  sing N N 216 
LYS OXT HXT  sing N N 217 
MET N   CA   sing N N 218 
MET N   H    sing N N 219 
MET N   H2   sing N N 220 
MET CA  C    sing N N 221 
MET CA  CB   sing N N 222 
MET CA  HA   sing N N 223 
MET C   O    doub N N 224 
MET C   OXT  sing N N 225 
MET CB  CG   sing N N 226 
MET CB  HB2  sing N N 227 
MET CB  HB3  sing N N 228 
MET CG  SD   sing N N 229 
MET CG  HG2  sing N N 230 
MET CG  HG3  sing N N 231 
MET SD  CE   sing N N 232 
MET CE  HE1  sing N N 233 
MET CE  HE2  sing N N 234 
MET CE  HE3  sing N N 235 
MET OXT HXT  sing N N 236 
PHE N   CA   sing N N 237 
PHE N   H    sing N N 238 
PHE N   H2   sing N N 239 
PHE CA  C    sing N N 240 
PHE CA  CB   sing N N 241 
PHE CA  HA   sing N N 242 
PHE C   O    doub N N 243 
PHE C   OXT  sing N N 244 
PHE CB  CG   sing N N 245 
PHE CB  HB2  sing N N 246 
PHE CB  HB3  sing N N 247 
PHE CG  CD1  doub Y N 248 
PHE CG  CD2  sing Y N 249 
PHE CD1 CE1  sing Y N 250 
PHE CD1 HD1  sing N N 251 
PHE CD2 CE2  doub Y N 252 
PHE CD2 HD2  sing N N 253 
PHE CE1 CZ   doub Y N 254 
PHE CE1 HE1  sing N N 255 
PHE CE2 CZ   sing Y N 256 
PHE CE2 HE2  sing N N 257 
PHE CZ  HZ   sing N N 258 
PHE OXT HXT  sing N N 259 
PRO N   CA   sing N N 260 
PRO N   CD   sing N N 261 
PRO N   H    sing N N 262 
PRO CA  C    sing N N 263 
PRO CA  CB   sing N N 264 
PRO CA  HA   sing N N 265 
PRO C   O    doub N N 266 
PRO C   OXT  sing N N 267 
PRO CB  CG   sing N N 268 
PRO CB  HB2  sing N N 269 
PRO CB  HB3  sing N N 270 
PRO CG  CD   sing N N 271 
PRO CG  HG2  sing N N 272 
PRO CG  HG3  sing N N 273 
PRO CD  HD2  sing N N 274 
PRO CD  HD3  sing N N 275 
PRO OXT HXT  sing N N 276 
SER N   CA   sing N N 277 
SER N   H    sing N N 278 
SER N   H2   sing N N 279 
SER CA  C    sing N N 280 
SER CA  CB   sing N N 281 
SER CA  HA   sing N N 282 
SER C   O    doub N N 283 
SER C   OXT  sing N N 284 
SER CB  OG   sing N N 285 
SER CB  HB2  sing N N 286 
SER CB  HB3  sing N N 287 
SER OG  HG   sing N N 288 
SER OXT HXT  sing N N 289 
THR N   CA   sing N N 290 
THR N   H    sing N N 291 
THR N   H2   sing N N 292 
THR CA  C    sing N N 293 
THR CA  CB   sing N N 294 
THR CA  HA   sing N N 295 
THR C   O    doub N N 296 
THR C   OXT  sing N N 297 
THR CB  OG1  sing N N 298 
THR CB  CG2  sing N N 299 
THR CB  HB   sing N N 300 
THR OG1 HG1  sing N N 301 
THR CG2 HG21 sing N N 302 
THR CG2 HG22 sing N N 303 
THR CG2 HG23 sing N N 304 
THR OXT HXT  sing N N 305 
TRP N   CA   sing N N 306 
TRP N   H    sing N N 307 
TRP N   H2   sing N N 308 
TRP CA  C    sing N N 309 
TRP CA  CB   sing N N 310 
TRP CA  HA   sing N N 311 
TRP C   O    doub N N 312 
TRP C   OXT  sing N N 313 
TRP CB  CG   sing N N 314 
TRP CB  HB2  sing N N 315 
TRP CB  HB3  sing N N 316 
TRP CG  CD1  doub Y N 317 
TRP CG  CD2  sing Y N 318 
TRP CD1 NE1  sing Y N 319 
TRP CD1 HD1  sing N N 320 
TRP CD2 CE2  doub Y N 321 
TRP CD2 CE3  sing Y N 322 
TRP NE1 CE2  sing Y N 323 
TRP NE1 HE1  sing N N 324 
TRP CE2 CZ2  sing Y N 325 
TRP CE3 CZ3  doub Y N 326 
TRP CE3 HE3  sing N N 327 
TRP CZ2 CH2  doub Y N 328 
TRP CZ2 HZ2  sing N N 329 
TRP CZ3 CH2  sing Y N 330 
TRP CZ3 HZ3  sing N N 331 
TRP CH2 HH2  sing N N 332 
TRP OXT HXT  sing N N 333 
TYR N   CA   sing N N 334 
TYR N   H    sing N N 335 
TYR N   H2   sing N N 336 
TYR CA  C    sing N N 337 
TYR CA  CB   sing N N 338 
TYR CA  HA   sing N N 339 
TYR C   O    doub N N 340 
TYR C   OXT  sing N N 341 
TYR CB  CG   sing N N 342 
TYR CB  HB2  sing N N 343 
TYR CB  HB3  sing N N 344 
TYR CG  CD1  doub Y N 345 
TYR CG  CD2  sing Y N 346 
TYR CD1 CE1  sing Y N 347 
TYR CD1 HD1  sing N N 348 
TYR CD2 CE2  doub Y N 349 
TYR CD2 HD2  sing N N 350 
TYR CE1 CZ   doub Y N 351 
TYR CE1 HE1  sing N N 352 
TYR CE2 CZ   sing Y N 353 
TYR CE2 HE2  sing N N 354 
TYR CZ  OH   sing N N 355 
TYR OH  HH   sing N N 356 
TYR OXT HXT  sing N N 357 
VAL N   CA   sing N N 358 
VAL N   H    sing N N 359 
VAL N   H2   sing N N 360 
VAL CA  C    sing N N 361 
VAL CA  CB   sing N N 362 
VAL CA  HA   sing N N 363 
VAL C   O    doub N N 364 
VAL C   OXT  sing N N 365 
VAL CB  CG1  sing N N 366 
VAL CB  CG2  sing N N 367 
VAL CB  HB   sing N N 368 
VAL CG1 HG11 sing N N 369 
VAL CG1 HG12 sing N N 370 
VAL CG1 HG13 sing N N 371 
VAL CG2 HG21 sing N N 372 
VAL CG2 HG22 sing N N 373 
VAL CG2 HG23 sing N N 374 
VAL OXT HXT  sing N N 375 
# 
_atom_sites.entry_id                    1BCG 
_atom_sites.fract_transf_matrix[1][1]   -0.01923196 
_atom_sites.fract_transf_matrix[1][2]   -0.01055540 
_atom_sites.fract_transf_matrix[1][3]   0.01089138 
_atom_sites.fract_transf_matrix[2][1]   -0.00243877 
_atom_sites.fract_transf_matrix[2][2]   0.01951159 
_atom_sites.fract_transf_matrix[2][3]   0.01460333 
_atom_sites.fract_transf_matrix[3][1]   -0.00319404 
_atom_sites.fract_transf_matrix[3][2]   0.00221520 
_atom_sites.fract_transf_matrix[3][3]   -0.00349315 
_atom_sites.fract_transf_vector[1]      0.767916 
_atom_sites.fract_transf_vector[2]      0.256540 
_atom_sites.fract_transf_vector[3]      0.066793 
# 
loop_
_atom_type.symbol 
C 
N 
O 
S 
# 
loop_
_atom_site.group_PDB 
_atom_site.id 
_atom_site.type_symbol 
_atom_site.label_atom_id 
_atom_site.label_alt_id 
_atom_site.label_comp_id 
_atom_site.label_asym_id 
_atom_site.label_entity_id 
_atom_site.label_seq_id 
_atom_site.pdbx_PDB_ins_code 
_atom_site.Cartn_x 
_atom_site.Cartn_y 
_atom_site.Cartn_z 
_atom_site.occupancy 
_atom_site.B_iso_or_equiv 
_atom_site.pdbx_formal_charge 
_atom_site.auth_seq_id 
_atom_site.auth_comp_id 
_atom_site.auth_asym_id 
_atom_site.auth_atom_id 
_atom_site.pdbx_PDB_model_num 
ATOM   1   N N   1 MET A 1 1  ? 15.860  3.239   -6.828  0.50 40.45 ? 0   MET A N   1 
ATOM   2   N N   2 MET A 1 1  ? 15.884  3.467   -6.867  0.50 40.39 ? 0   MET A N   1 
ATOM   3   C CA  1 MET A 1 1  ? 14.604  2.808   -7.503  0.50 40.37 ? 0   MET A CA  1 
ATOM   4   C CA  2 MET A 1 1  ? 14.619  2.975   -7.481  0.50 40.22 ? 0   MET A CA  1 
ATOM   5   C C   1 MET A 1 1  ? 13.478  2.633   -6.487  0.50 39.56 ? 0   MET A C   1 
ATOM   6   C C   2 MET A 1 1  ? 13.517  2.805   -6.438  0.50 39.49 ? 0   MET A C   1 
ATOM   7   O O   1 MET A 1 1  ? 13.688  2.088   -5.403  0.50 39.94 ? 0   MET A O   1 
ATOM   8   O O   2 MET A 1 1  ? 13.777  2.423   -5.296  0.50 39.88 ? 0   MET A O   1 
ATOM   9   C CB  1 MET A 1 1  ? 14.827  1.483   -8.235  0.50 41.37 ? 0   MET A CB  1 
ATOM   10  C CB  2 MET A 1 1  ? 14.866  1.640   -8.192  0.50 41.08 ? 0   MET A CB  1 
ATOM   11  C CG  1 MET A 1 1  ? 15.231  0.340   -7.315  0.50 42.36 ? 0   MET A CG  1 
ATOM   12  C CG  2 MET A 1 1  ? 13.610  0.991   -8.749  0.50 41.82 ? 0   MET A CG  1 
ATOM   13  S SD  1 MET A 1 1  ? 15.392  -1.233  -8.175  0.50 44.04 ? 0   MET A SD  1 
ATOM   14  S SD  2 MET A 1 1  ? 12.727  2.059   -9.899  0.50 43.44 ? 0   MET A SD  1 
ATOM   15  C CE  1 MET A 1 1  ? 15.866  -2.305  -6.819  0.50 43.30 ? 0   MET A CE  1 
ATOM   16  C CE  2 MET A 1 1  ? 11.296  1.043   -10.282 0.50 42.64 ? 0   MET A CE  1 
ATOM   17  N N   . LYS A 1 2  ? 12.285  3.095   -6.841  1.00 38.61 ? 1   LYS A N   1 
ATOM   18  C CA  . LYS A 1 2  ? 11.141  2.973   -5.951  1.00 36.71 ? 1   LYS A CA  1 
ATOM   19  C C   . LYS A 1 2  ? 10.412  1.674   -6.249  1.00 34.43 ? 1   LYS A C   1 
ATOM   20  O O   . LYS A 1 2  ? 10.713  0.998   -7.231  1.00 34.20 ? 1   LYS A O   1 
ATOM   21  C CB  . LYS A 1 2  ? 10.199  4.169   -6.118  1.00 36.76 ? 1   LYS A CB  1 
ATOM   22  C CG  . LYS A 1 2  ? 10.830  5.491   -5.707  1.00 37.70 ? 1   LYS A CG  1 
ATOM   23  C CD  . LYS A 1 2  ? 9.834   6.636   -5.765  1.00 38.70 ? 1   LYS A CD  1 
ATOM   24  C CE  . LYS A 1 2  ? 10.500  7.964   -5.410  1.00 39.36 ? 1   LYS A CE  1 
ATOM   25  N NZ  . LYS A 1 2  ? 11.126  7.940   -4.056  1.00 38.52 ? 1   LYS A NZ  1 
ATOM   26  N N   . LYS A 1 3  ? 9.455   1.322   -5.399  1.00 31.84 ? 2   LYS A N   1 
ATOM   27  C CA  . LYS A 1 3  ? 8.706   0.087   -5.576  1.00 28.94 ? 2   LYS A CA  1 
ATOM   28  C C   . LYS A 1 3  ? 7.286   0.258   -5.068  1.00 27.61 ? 2   LYS A C   1 
ATOM   29  O O   . LYS A 1 3  ? 6.966   1.256   -4.421  1.00 27.29 ? 2   LYS A O   1 
ATOM   30  C CB  . LYS A 1 3  ? 9.382   -1.041  -4.795  1.00 28.27 ? 2   LYS A CB  1 
ATOM   31  C CG  . LYS A 1 3  ? 9.421   -0.796  -3.286  1.00 27.20 ? 2   LYS A CG  1 
ATOM   32  C CD  . LYS A 1 3  ? 10.197  -1.878  -2.555  1.00 26.51 ? 2   LYS A CD  1 
ATOM   33  C CE  . LYS A 1 3  ? 10.186  -1.638  -1.051  1.00 26.43 ? 2   LYS A CE  1 
ATOM   34  N NZ  . LYS A 1 3  ? 11.027  -2.628  -0.323  1.00 26.74 ? 2   LYS A NZ  1 
ATOM   35  N N   . ASN A 1 4  ? 6.440   -0.723  -5.366  1.00 25.95 ? 3   ASN A N   1 
ATOM   36  C CA  . ASN A 1 4  ? 5.056   -0.709  -4.920  1.00 24.49 ? 3   ASN A CA  1 
ATOM   37  C C   . ASN A 1 4  ? 4.866   -1.910  -3.995  1.00 23.60 ? 3   ASN A C   1 
ATOM   38  O O   . ASN A 1 4  ? 5.576   -2.910  -4.116  1.00 22.03 ? 3   ASN A O   1 
ATOM   39  C CB  . ASN A 1 4  ? 4.087   -0.838  -6.101  1.00 25.05 ? 3   ASN A CB  1 
ATOM   40  C CG  . ASN A 1 4  ? 4.402   0.121   -7.235  1.00 24.76 ? 3   ASN A CG  1 
ATOM   41  O OD1 . ASN A 1 4  ? 4.797   1.264   -7.013  1.00 24.26 ? 3   ASN A OD1 1 
ATOM   42  N ND2 . ASN A 1 4  ? 4.193   -0.337  -8.463  1.00 25.12 ? 3   ASN A ND2 1 
ATOM   43  N N   . GLY A 1 5  ? 3.907   -1.813  -3.081  1.00 22.25 ? 4   GLY A N   1 
ATOM   44  C CA  . GLY A 1 5  ? 3.649   -2.912  -2.170  1.00 21.45 ? 4   GLY A CA  1 
ATOM   45  C C   . GLY A 1 5  ? 2.888   -2.492  -0.926  1.00 21.56 ? 4   GLY A C   1 
ATOM   46  O O   . GLY A 1 5  ? 2.508   -1.321  -0.778  1.00 20.40 ? 4   GLY A O   1 
ATOM   47  N N   . TYR A 1 6  ? 2.651   -3.460  -0.043  1.00 20.58 ? 5   TYR A N   1 
ATOM   48  C CA  . TYR A 1 6  ? 1.948   -3.227  1.217   1.00 20.01 ? 5   TYR A CA  1 
ATOM   49  C C   . TYR A 1 6  ? 2.966   -2.853  2.296   1.00 19.67 ? 5   TYR A C   1 
ATOM   50  O O   . TYR A 1 6  ? 3.679   -3.719  2.804   1.00 19.17 ? 5   TYR A O   1 
ATOM   51  C CB  . TYR A 1 6  ? 1.223   -4.498  1.683   1.00 18.75 ? 5   TYR A CB  1 
ATOM   52  C CG  . TYR A 1 6  ? 0.077   -4.988  0.826   1.00 19.54 ? 5   TYR A CG  1 
ATOM   53  C CD1 . TYR A 1 6  ? -1.113  -4.264  0.735   1.00 19.78 ? 5   TYR A CD1 1 
ATOM   54  C CD2 . TYR A 1 6  ? 0.133   -6.240  0.211   1.00 20.33 ? 5   TYR A CD2 1 
ATOM   55  C CE1 . TYR A 1 6  ? -2.229  -4.780  0.066   1.00 20.52 ? 5   TYR A CE1 1 
ATOM   56  C CE2 . TYR A 1 6  ? -0.979  -6.766  -0.464  1.00 21.39 ? 5   TYR A CE2 1 
ATOM   57  C CZ  . TYR A 1 6  ? -2.155  -6.030  -0.522  1.00 20.76 ? 5   TYR A CZ  1 
ATOM   58  O OH  . TYR A 1 6  ? -3.262  -6.562  -1.135  1.00 22.45 ? 5   TYR A OH  1 
ATOM   59  N N   . PRO A 1 7  ? 3.052   -1.565  2.661   1.00 19.95 ? 6   PRO A N   1 
ATOM   60  C CA  . PRO A 1 7  ? 4.017   -1.178  3.696   1.00 20.15 ? 6   PRO A CA  1 
ATOM   61  C C   . PRO A 1 7  ? 3.674   -1.801  5.048   1.00 20.97 ? 6   PRO A C   1 
ATOM   62  O O   . PRO A 1 7  ? 2.504   -1.899  5.421   1.00 20.93 ? 6   PRO A O   1 
ATOM   63  C CB  . PRO A 1 7  ? 3.905   0.345   3.702   1.00 20.40 ? 6   PRO A CB  1 
ATOM   64  C CG  . PRO A 1 7  ? 2.449   0.552   3.349   1.00 19.55 ? 6   PRO A CG  1 
ATOM   65  C CD  . PRO A 1 7  ? 2.340   -0.377  2.163   1.00 19.92 ? 6   PRO A CD  1 
ATOM   66  N N   . LEU A 1 8  ? 4.696   -2.225  5.777   1.00 21.45 ? 7   LEU A N   1 
ATOM   67  C CA  . LEU A 1 8  ? 4.484   -2.844  7.081   1.00 23.01 ? 7   LEU A CA  1 
ATOM   68  C C   . LEU A 1 8  ? 4.723   -1.839  8.205   1.00 23.69 ? 7   LEU A C   1 
ATOM   69  O O   . LEU A 1 8  ? 5.574   -0.958  8.083   1.00 23.22 ? 7   LEU A O   1 
ATOM   70  C CB  . LEU A 1 8  ? 5.432   -4.037  7.251   1.00 23.26 ? 7   LEU A CB  1 
ATOM   71  C CG  . LEU A 1 8  ? 5.352   -5.147  6.196   1.00 23.61 ? 7   LEU A CG  1 
ATOM   72  C CD1 . LEU A 1 8  ? 6.394   -6.210  6.490   1.00 23.86 ? 7   LEU A CD1 1 
ATOM   73  C CD2 . LEU A 1 8  ? 3.952   -5.757  6.183   1.00 23.17 ? 7   LEU A CD2 1 
ATOM   74  N N   . ASP A 1 9  ? 3.966   -1.958  9.295   1.00 25.03 ? 8   ASP A N   1 
ATOM   75  C CA  . ASP A 1 9  ? 4.164   -1.061  10.426  1.00 26.91 ? 8   ASP A CA  1 
ATOM   76  C C   . ASP A 1 9  ? 5.165   -1.680  11.404  1.00 27.85 ? 8   ASP A C   1 
ATOM   77  O O   . ASP A 1 9  ? 5.776   -2.704  11.104  1.00 26.84 ? 8   ASP A O   1 
ATOM   78  C CB  . ASP A 1 9  ? 2.846   -0.746  11.156  1.00 27.92 ? 8   ASP A CB  1 
ATOM   79  C CG  . ASP A 1 9  ? 2.152   -1.980  11.692  1.00 28.62 ? 8   ASP A CG  1 
ATOM   80  O OD1 . ASP A 1 9  ? 2.842   -2.949  12.068  1.00 29.91 ? 8   ASP A OD1 1 
ATOM   81  O OD2 . ASP A 1 9  ? 0.907   -1.968  11.769  1.00 30.74 ? 8   ASP A OD2 1 
ATOM   82  N N   . ARG A 1 10 ? 5.324   -1.056  12.569  1.00 29.49 ? 9   ARG A N   1 
ATOM   83  C CA  . ARG A 1 10 ? 6.270   -1.532  13.575  1.00 31.79 ? 9   ARG A CA  1 
ATOM   84  C C   . ARG A 1 10 ? 5.999   -2.938  14.084  1.00 31.88 ? 9   ARG A C   1 
ATOM   85  O O   . ARG A 1 10 ? 6.897   -3.591  14.613  1.00 32.52 ? 9   ARG A O   1 
ATOM   86  C CB  . ARG A 1 10 ? 6.318   -0.565  14.765  1.00 33.15 ? 9   ARG A CB  1 
ATOM   87  C CG  . ARG A 1 10 ? 4.981   -0.313  15.454  1.00 36.34 ? 9   ARG A CG  1 
ATOM   88  C CD  . ARG A 1 10 ? 5.174   0.644   16.627  1.00 39.68 ? 9   ARG A CD  1 
ATOM   89  N NE  . ARG A 1 10 ? 3.925   1.102   17.233  1.00 42.50 ? 9   ARG A NE  1 
ATOM   90  C CZ  . ARG A 1 10 ? 3.027   0.314   17.818  1.00 43.95 ? 9   ARG A CZ  1 
ATOM   91  N NH1 . ARG A 1 10 ? 3.226   -0.997  17.883  1.00 45.28 ? 9   ARG A NH1 1 
ATOM   92  N NH2 . ARG A 1 10 ? 1.930   0.842   18.348  1.00 44.66 ? 9   ARG A NH2 1 
ATOM   93  N N   . ASN A 1 11 ? 4.767   -3.409  13.920  1.00 31.84 ? 10  ASN A N   1 
ATOM   94  C CA  . ASN A 1 11 ? 4.407   -4.742  14.376  1.00 31.76 ? 10  ASN A CA  1 
ATOM   95  C C   . ASN A 1 11 ? 4.535   -5.755  13.252  1.00 31.11 ? 10  ASN A C   1 
ATOM   96  O O   . ASN A 1 11 ? 4.197   -6.922  13.416  1.00 30.88 ? 10  ASN A O   1 
ATOM   97  C CB  . ASN A 1 11 ? 2.979   -4.748  14.918  1.00 33.40 ? 10  ASN A CB  1 
ATOM   98  C CG  . ASN A 1 11 ? 2.780   -3.735  16.027  1.00 34.90 ? 10  ASN A CG  1 
ATOM   99  O OD1 . ASN A 1 11 ? 3.553   -3.688  16.983  1.00 36.54 ? 10  ASN A OD1 1 
ATOM   100 N ND2 . ASN A 1 11 ? 1.736   -2.925  15.911  1.00 36.04 ? 10  ASN A ND2 1 
ATOM   101 N N   . GLY A 1 12 ? 5.028   -5.300  12.106  1.00 30.42 ? 11  GLY A N   1 
ATOM   102 C CA  . GLY A 1 12 ? 5.190   -6.196  10.979  1.00 29.60 ? 11  GLY A CA  1 
ATOM   103 C C   . GLY A 1 12 ? 3.873   -6.523  10.306  1.00 29.35 ? 11  GLY A C   1 
ATOM   104 O O   . GLY A 1 12 ? 3.734   -7.566  9.674   1.00 28.83 ? 11  GLY A O   1 
ATOM   105 N N   . LYS A 1 13 ? 2.897   -5.634  10.438  1.00 29.02 ? 12  LYS A N   1 
ATOM   106 C CA  . LYS A 1 13 ? 1.603   -5.866  9.818   1.00 28.86 ? 12  LYS A CA  1 
ATOM   107 C C   . LYS A 1 13 ? 1.202   -4.762  8.846   1.00 28.03 ? 12  LYS A C   1 
ATOM   108 O O   . LYS A 1 13 ? 1.691   -3.636  8.915   1.00 27.50 ? 12  LYS A O   1 
ATOM   109 C CB  . LYS A 1 13 ? 0.525   -6.033  10.889  1.00 29.76 ? 12  LYS A CB  1 
ATOM   110 C CG  . LYS A 1 13 ? 0.723   -7.259  11.767  1.00 32.64 ? 12  LYS A CG  1 
ATOM   111 C CD  . LYS A 1 13 ? -0.422  -7.433  12.747  1.00 35.39 ? 12  LYS A CD  1 
ATOM   112 C CE  . LYS A 1 13 ? -0.226  -8.674  13.603  1.00 36.71 ? 12  LYS A CE  1 
ATOM   113 N NZ  . LYS A 1 13 ? -0.156  -9.913  12.768  1.00 38.32 ? 12  LYS A NZ  1 
ATOM   114 N N   . THR A 1 14 ? 0.305   -5.106  7.931   1.00 27.53 ? 13  THR A N   1 
ATOM   115 C CA  . THR A 1 14 ? -0.179  -4.160  6.943   1.00 27.47 ? 13  THR A CA  1 
ATOM   116 C C   . THR A 1 14 ? -1.256  -3.272  7.556   1.00 27.53 ? 13  THR A C   1 
ATOM   117 O O   . THR A 1 14 ? -1.746  -3.540  8.658   1.00 28.33 ? 13  THR A O   1 
ATOM   118 C CB  . THR A 1 14 ? -0.756  -4.908  5.731   1.00 27.80 ? 13  THR A CB  1 
ATOM   119 O OG1 . THR A 1 14 ? -1.841  -5.740  6.158   1.00 28.34 ? 13  THR A OG1 1 
ATOM   120 C CG2 . THR A 1 14 ? 0.312   -5.786  5.096   1.00 28.16 ? 13  THR A CG2 1 
ATOM   121 N N   . THR A 1 15 ? -1.608  -2.197  6.859   1.00 27.35 ? 14  THR A N   1 
ATOM   122 C CA  . THR A 1 15 ? -2.647  -1.295  7.340   1.00 27.09 ? 14  THR A CA  1 
ATOM   123 C C   . THR A 1 15 ? -3.977  -1.731  6.739   1.00 26.91 ? 14  THR A C   1 
ATOM   124 O O   . THR A 1 15 ? -4.195  -1.625  5.533   1.00 26.27 ? 14  THR A O   1 
ATOM   125 C CB  . THR A 1 15 ? -2.370  0.171   6.947   1.00 27.66 ? 14  THR A CB  1 
ATOM   126 O OG1 . THR A 1 15 ? -1.191  0.635   7.615   1.00 27.76 ? 14  THR A OG1 1 
ATOM   127 C CG2 . THR A 1 15 ? -3.547  1.054   7.336   1.00 28.34 ? 14  THR A CG2 1 
ATOM   128 N N   1 GLU A 1 16 ? -4.864  -2.212  7.604   0.50 26.55 ? 15  GLU A N   1 
ATOM   129 N N   2 GLU A 1 16 ? -4.861  -2.242  7.588   0.50 26.54 ? 15  GLU A N   1 
ATOM   130 C CA  1 GLU A 1 16 ? -6.186  -2.676  7.205   0.50 26.65 ? 15  GLU A CA  1 
ATOM   131 C CA  2 GLU A 1 16 ? -6.162  -2.711  7.135   0.50 26.62 ? 15  GLU A CA  1 
ATOM   132 C C   1 GLU A 1 16 ? -7.078  -1.546  6.698   0.50 26.05 ? 15  GLU A C   1 
ATOM   133 C C   2 GLU A 1 16 ? -7.061  -1.564  6.685   0.50 26.04 ? 15  GLU A C   1 
ATOM   134 O O   1 GLU A 1 16 ? -7.000  -0.416  7.179   0.50 25.96 ? 15  GLU A O   1 
ATOM   135 O O   2 GLU A 1 16 ? -6.973  -0.449  7.196   0.50 25.97 ? 15  GLU A O   1 
ATOM   136 C CB  1 GLU A 1 16 ? -6.862  -3.353  8.400   0.50 27.59 ? 15  GLU A CB  1 
ATOM   137 C CB  2 GLU A 1 16 ? -6.846  -3.510  8.248   0.50 27.57 ? 15  GLU A CB  1 
ATOM   138 C CG  1 GLU A 1 16 ? -8.299  -3.783  8.167   0.50 28.55 ? 15  GLU A CG  1 
ATOM   139 C CG  2 GLU A 1 16 ? -6.053  -4.730  8.692   0.50 28.53 ? 15  GLU A CG  1 
ATOM   140 C CD  1 GLU A 1 16 ? -8.945  -4.325  9.427   0.50 29.37 ? 15  GLU A CD  1 
ATOM   141 C CD  2 GLU A 1 16 ? -6.723  -5.490  9.823   0.50 29.43 ? 15  GLU A CD  1 
ATOM   142 O OE1 1 GLU A 1 16 ? -8.432  -5.320  9.980   0.50 29.41 ? 15  GLU A OE1 1 
ATOM   143 O OE1 2 GLU A 1 16 ? -6.954  -4.886  10.892  0.50 29.72 ? 15  GLU A OE1 1 
ATOM   144 O OE2 1 GLU A 1 16 ? -9.964  -3.755  9.867   0.50 30.32 ? 15  GLU A OE2 1 
ATOM   145 O OE2 2 GLU A 1 16 ? -7.014  -6.690  9.644   0.50 30.20 ? 15  GLU A OE2 1 
ATOM   146 N N   . CYS A 1 17 ? -7.927  -1.858  5.722   1.00 25.44 ? 16  CYS A N   1 
ATOM   147 C CA  . CYS A 1 17 ? -8.856  -0.877  5.176   1.00 25.39 ? 16  CYS A CA  1 
ATOM   148 C C   . CYS A 1 17 ? -10.139 -1.593  4.771   1.00 26.70 ? 16  CYS A C   1 
ATOM   149 O O   . CYS A 1 17 ? -10.113 -2.583  4.044   1.00 26.43 ? 16  CYS A O   1 
ATOM   150 C CB  . CYS A 1 17 ? -8.218  -0.129  3.990   1.00 23.35 ? 16  CYS A CB  1 
ATOM   151 S SG  . CYS A 1 17 ? -7.387  -1.153  2.726   1.00 21.54 ? 16  CYS A SG  1 
ATOM   152 N N   . SER A 1 18 ? -11.264 -1.107  5.282   1.00 28.29 ? 17  SER A N   1 
ATOM   153 C CA  . SER A 1 18 ? -12.549 -1.718  4.978   1.00 29.82 ? 17  SER A CA  1 
ATOM   154 C C   . SER A 1 18 ? -13.656 -0.681  5.018   1.00 30.00 ? 17  SER A C   1 
ATOM   155 O O   . SER A 1 18 ? -13.424 0.477   5.371   1.00 29.92 ? 17  SER A O   1 
ATOM   156 C CB  . SER A 1 18 ? -12.853 -2.830  5.984   1.00 30.70 ? 17  SER A CB  1 
ATOM   157 O OG  . SER A 1 18 ? -12.896 -2.311  7.302   1.00 33.17 ? 17  SER A OG  1 
ATOM   158 N N   . GLY A 1 19 ? -14.862 -1.106  4.649   1.00 29.86 ? 18  GLY A N   1 
ATOM   159 C CA  . GLY A 1 19 ? -15.989 -0.200  4.644   1.00 29.61 ? 18  GLY A CA  1 
ATOM   160 C C   . GLY A 1 19 ? -15.769 0.921   3.655   1.00 30.17 ? 18  GLY A C   1 
ATOM   161 O O   . GLY A 1 19 ? -15.355 0.687   2.518   1.00 29.47 ? 18  GLY A O   1 
ATOM   162 N N   . VAL A 1 20 ? -16.038 2.148   4.091   1.00 30.08 ? 19  VAL A N   1 
ATOM   163 C CA  . VAL A 1 20 ? -15.877 3.308   3.228   1.00 29.99 ? 19  VAL A CA  1 
ATOM   164 C C   . VAL A 1 20 ? -14.418 3.519   2.831   1.00 29.73 ? 19  VAL A C   1 
ATOM   165 O O   . VAL A 1 20 ? -14.136 4.113   1.788   1.00 29.63 ? 19  VAL A O   1 
ATOM   166 C CB  . VAL A 1 20 ? -16.408 4.593   3.914   1.00 31.37 ? 19  VAL A CB  1 
ATOM   167 C CG1 . VAL A 1 20 ? -15.656 4.846   5.210   1.00 31.01 ? 19  VAL A CG1 1 
ATOM   168 C CG2 . VAL A 1 20 ? -16.265 5.782   2.968   1.00 31.69 ? 19  VAL A CG2 1 
ATOM   169 N N   . ASN A 1 21 ? -13.489 3.035   3.650   1.00 28.60 ? 20  ASN A N   1 
ATOM   170 C CA  . ASN A 1 21 ? -12.082 3.202   3.313   1.00 29.19 ? 20  ASN A CA  1 
ATOM   171 C C   . ASN A 1 21 ? -11.558 2.136   2.357   1.00 28.72 ? 20  ASN A C   1 
ATOM   172 O O   . ASN A 1 21 ? -10.386 2.146   1.977   1.00 27.89 ? 20  ASN A O   1 
ATOM   173 C CB  . ASN A 1 21 ? -11.224 3.282   4.576   1.00 28.55 ? 20  ASN A CB  1 
ATOM   174 C CG  . ASN A 1 21 ? -11.499 4.547   5.375   1.00 29.28 ? 20  ASN A CG  1 
ATOM   175 O OD1 . ASN A 1 21 ? -11.747 5.610   4.799   1.00 30.61 ? 20  ASN A OD1 1 
ATOM   176 N ND2 . ASN A 1 21 ? -11.435 4.450   6.692   1.00 28.16 ? 20  ASN A ND2 1 
ATOM   177 N N   . ALA A 1 22 ? -12.445 1.226   1.962   1.00 28.93 ? 21  ALA A N   1 
ATOM   178 C CA  . ALA A 1 22 ? -12.098 0.178   1.014   1.00 29.30 ? 21  ALA A CA  1 
ATOM   179 C C   . ALA A 1 22 ? -12.656 0.591   -0.342  1.00 29.73 ? 21  ALA A C   1 
ATOM   180 O O   . ALA A 1 22 ? -12.134 0.197   -1.380  1.00 30.28 ? 21  ALA A O   1 
ATOM   181 C CB  . ALA A 1 22 ? -12.702 -1.156  1.439   1.00 29.07 ? 21  ALA A CB  1 
ATOM   182 N N   . ILE A 1 23 ? -13.715 1.394   -0.329  1.00 30.01 ? 22  ILE A N   1 
ATOM   183 C CA  . ILE A 1 23 ? -14.335 1.843   -1.572  1.00 30.82 ? 22  ILE A CA  1 
ATOM   184 C C   . ILE A 1 23 ? -13.685 3.111   -2.126  1.00 29.57 ? 22  ILE A C   1 
ATOM   185 O O   . ILE A 1 23 ? -13.586 3.282   -3.337  1.00 30.54 ? 22  ILE A O   1 
ATOM   186 C CB  . ILE A 1 23 ? -15.858 2.084   -1.392  1.00 32.23 ? 22  ILE A CB  1 
ATOM   187 C CG1 . ILE A 1 23 ? -16.478 2.483   -2.734  1.00 33.97 ? 22  ILE A CG1 1 
ATOM   188 C CG2 . ILE A 1 23 ? -16.103 3.173   -0.358  1.00 33.14 ? 22  ILE A CG2 1 
ATOM   189 C CD1 . ILE A 1 23 ? -17.982 2.690   -2.691  1.00 35.43 ? 22  ILE A CD1 1 
ATOM   190 N N   . ALA A 1 24 ? -13.240 3.994   -1.240  1.00 28.28 ? 23  ALA A N   1 
ATOM   191 C CA  . ALA A 1 24 ? -12.588 5.237   -1.656  1.00 26.34 ? 23  ALA A CA  1 
ATOM   192 C C   . ALA A 1 24 ? -11.099 5.136   -1.319  1.00 25.02 ? 23  ALA A C   1 
ATOM   193 O O   . ALA A 1 24 ? -10.737 4.657   -0.247  1.00 24.67 ? 23  ALA A O   1 
ATOM   194 C CB  . ALA A 1 24 ? -13.216 6.421   -0.936  1.00 25.98 ? 23  ALA A CB  1 
ATOM   195 N N   . PRO A 1 25 ? -10.220 5.601   -2.227  1.00 23.97 ? 24  PRO A N   1 
ATOM   196 C CA  . PRO A 1 25 ? -8.758  5.576   -2.073  1.00 23.02 ? 24  PRO A CA  1 
ATOM   197 C C   . PRO A 1 25 ? -8.181  6.535   -1.034  1.00 22.46 ? 24  PRO A C   1 
ATOM   198 O O   . PRO A 1 25 ? -7.065  6.345   -0.560  1.00 21.39 ? 24  PRO A O   1 
ATOM   199 C CB  . PRO A 1 25 ? -8.259  5.952   -3.475  1.00 23.35 ? 24  PRO A CB  1 
ATOM   200 C CG  . PRO A 1 25 ? -9.461  5.688   -4.376  1.00 25.06 ? 24  PRO A CG  1 
ATOM   201 C CD  . PRO A 1 25 ? -10.563 6.225   -3.514  1.00 23.54 ? 24  PRO A CD  1 
ATOM   202 N N   . HIS A 1 26 ? -8.943  7.567   -0.691  1.00 22.90 ? 25  HIS A N   1 
ATOM   203 C CA  . HIS A 1 26 ? -8.483  8.605   0.229   1.00 22.92 ? 25  HIS A CA  1 
ATOM   204 C C   . HIS A 1 26 ? -7.771  8.179   1.509   1.00 23.01 ? 25  HIS A C   1 
ATOM   205 O O   . HIS A 1 26 ? -6.697  8.698   1.823   1.00 23.05 ? 25  HIS A O   1 
ATOM   206 C CB  . HIS A 1 26 ? -9.650  9.531   0.553   1.00 23.49 ? 25  HIS A CB  1 
ATOM   207 C CG  . HIS A 1 26 ? -10.275 10.139  -0.661  1.00 24.44 ? 25  HIS A CG  1 
ATOM   208 N ND1 . HIS A 1 26 ? -10.939 9.390   -1.610  1.00 25.09 ? 25  HIS A ND1 1 
ATOM   209 C CD2 . HIS A 1 26 ? -10.289 11.415  -1.115  1.00 25.09 ? 25  HIS A CD2 1 
ATOM   210 C CE1 . HIS A 1 26 ? -11.335 10.178  -2.592  1.00 25.33 ? 25  HIS A CE1 1 
ATOM   211 N NE2 . HIS A 1 26 ? -10.954 11.412  -2.317  1.00 24.90 ? 25  HIS A NE2 1 
ATOM   212 N N   . TYR A 1 27 ? -8.353  7.250   2.256   1.00 22.87 ? 26  TYR A N   1 
ATOM   213 C CA  . TYR A 1 27 ? -7.720  6.800   3.486   1.00 22.78 ? 26  TYR A CA  1 
ATOM   214 C C   . TYR A 1 27 ? -6.320  6.256   3.212   1.00 22.82 ? 26  TYR A C   1 
ATOM   215 O O   . TYR A 1 27 ? -5.326  6.763   3.740   1.00 22.25 ? 26  TYR A O   1 
ATOM   216 C CB  . TYR A 1 27 ? -8.563  5.716   4.154   1.00 24.28 ? 26  TYR A CB  1 
ATOM   217 C CG  . TYR A 1 27 ? -7.896  5.105   5.359   1.00 25.59 ? 26  TYR A CG  1 
ATOM   218 C CD1 . TYR A 1 27 ? -7.624  5.868   6.494   1.00 26.80 ? 26  TYR A CD1 1 
ATOM   219 C CD2 . TYR A 1 27 ? -7.504  3.767   5.353   1.00 26.45 ? 26  TYR A CD2 1 
ATOM   220 C CE1 . TYR A 1 27 ? -6.975  5.311   7.596   1.00 27.56 ? 26  TYR A CE1 1 
ATOM   221 C CE2 . TYR A 1 27 ? -6.856  3.202   6.445   1.00 26.84 ? 26  TYR A CE2 1 
ATOM   222 C CZ  . TYR A 1 27 ? -6.594  3.978   7.560   1.00 27.52 ? 26  TYR A CZ  1 
ATOM   223 O OH  . TYR A 1 27 ? -5.948  3.418   8.639   1.00 28.64 ? 26  TYR A OH  1 
ATOM   224 N N   . CYS A 1 28 ? -6.243  5.220   2.385   1.00 21.88 ? 27  CYS A N   1 
ATOM   225 C CA  . CYS A 1 28 ? -4.957  4.622   2.061   1.00 21.26 ? 27  CYS A CA  1 
ATOM   226 C C   . CYS A 1 28 ? -3.999  5.571   1.345   1.00 21.67 ? 27  CYS A C   1 
ATOM   227 O O   . CYS A 1 28 ? -2.784  5.472   1.519   1.00 21.62 ? 27  CYS A O   1 
ATOM   228 C CB  . CYS A 1 28 ? -5.157  3.355   1.226   1.00 20.28 ? 27  CYS A CB  1 
ATOM   229 S SG  . CYS A 1 28 ? -5.833  1.963   2.189   1.00 19.51 ? 27  CYS A SG  1 
ATOM   230 N N   . ASN A 1 29 ? -4.529  6.484   0.541   1.00 22.12 ? 28  ASN A N   1 
ATOM   231 C CA  . ASN A 1 29 ? -3.660  7.418   -0.166  1.00 23.51 ? 28  ASN A CA  1 
ATOM   232 C C   . ASN A 1 29 ? -2.980  8.338   0.842   1.00 23.89 ? 28  ASN A C   1 
ATOM   233 O O   . ASN A 1 29 ? -1.805  8.673   0.691   1.00 23.86 ? 28  ASN A O   1 
ATOM   234 C CB  . ASN A 1 29 ? -4.455  8.219   -1.202  1.00 23.57 ? 28  ASN A CB  1 
ATOM   235 C CG  . ASN A 1 29 ? -3.575  9.152   -2.019  1.00 25.37 ? 28  ASN A CG  1 
ATOM   236 O OD1 . ASN A 1 29 ? -3.334  10.301  -1.640  1.00 25.77 ? 28  ASN A OD1 1 
ATOM   237 N ND2 . ASN A 1 29 ? -3.068  8.649   -3.134  1.00 24.51 ? 28  ASN A ND2 1 
ATOM   238 N N   . SER A 1 30 ? -3.713  8.720   1.884   1.00 24.70 ? 29  SER A N   1 
ATOM   239 C CA  . SER A 1 30 ? -3.168  9.579   2.935   1.00 26.14 ? 29  SER A CA  1 
ATOM   240 C C   . SER A 1 30 ? -2.084  8.840   3.721   1.00 26.06 ? 29  SER A C   1 
ATOM   241 O O   . SER A 1 30 ? -1.017  9.393   3.983   1.00 25.81 ? 29  SER A O   1 
ATOM   242 C CB  . SER A 1 30 ? -4.270  10.011  3.901   1.00 26.88 ? 29  SER A CB  1 
ATOM   243 O OG  . SER A 1 30 ? -5.266  10.757  3.232   1.00 30.79 ? 29  SER A OG  1 
ATOM   244 N N   . GLU A 1 31 ? -2.367  7.596   4.109   1.00 25.65 ? 30  GLU A N   1 
ATOM   245 C CA  . GLU A 1 31 ? -1.395  6.796   4.854   1.00 26.32 ? 30  GLU A CA  1 
ATOM   246 C C   . GLU A 1 31 ? -0.123  6.627   4.031   1.00 25.27 ? 30  GLU A C   1 
ATOM   247 O O   . GLU A 1 31 ? 0.983   6.866   4.509   1.00 26.11 ? 30  GLU A O   1 
ATOM   248 C CB  . GLU A 1 31 ? -1.963  5.409   5.184   1.00 27.68 ? 30  GLU A CB  1 
ATOM   249 C CG  . GLU A 1 31 ? -3.131  5.400   6.165   1.00 30.16 ? 30  GLU A CG  1 
ATOM   250 C CD  . GLU A 1 31 ? -2.755  5.949   7.535   1.00 31.39 ? 30  GLU A CD  1 
ATOM   251 O OE1 . GLU A 1 31 ? -1.831  5.397   8.169   1.00 31.71 ? 30  GLU A OE1 1 
ATOM   252 O OE2 . GLU A 1 31 ? -3.387  6.930   7.978   1.00 33.21 ? 30  GLU A OE2 1 
ATOM   253 N N   . CYS A 1 32 ? -0.291  6.210   2.784   1.00 24.18 ? 31  CYS A N   1 
ATOM   254 C CA  . CYS A 1 32 ? 0.839   6.003   1.891   1.00 23.85 ? 31  CYS A CA  1 
ATOM   255 C C   . CYS A 1 32 ? 1.722   7.238   1.715   1.00 24.38 ? 31  CYS A C   1 
ATOM   256 O O   . CYS A 1 32 ? 2.940   7.154   1.832   1.00 24.78 ? 31  CYS A O   1 
ATOM   257 C CB  . CYS A 1 32 ? 0.332   5.532   0.528   1.00 22.41 ? 31  CYS A CB  1 
ATOM   258 S SG  . CYS A 1 32 ? -0.323  3.832   0.513   1.00 21.18 ? 31  CYS A SG  1 
ATOM   259 N N   . THR A 1 33 ? 1.112   8.385   1.439   1.00 25.46 ? 32  THR A N   1 
ATOM   260 C CA  . THR A 1 33 ? 1.884   9.607   1.233   1.00 27.05 ? 32  THR A CA  1 
ATOM   261 C C   . THR A 1 33 ? 2.434   10.244  2.508   1.00 27.96 ? 32  THR A C   1 
ATOM   262 O O   . THR A 1 33 ? 3.613   10.569  2.573   1.00 27.98 ? 32  THR A O   1 
ATOM   263 C CB  . THR A 1 33 ? 1.062   10.679  0.487   1.00 26.73 ? 32  THR A CB  1 
ATOM   264 O OG1 . THR A 1 33 ? -0.084  11.037  1.269   1.00 26.63 ? 32  THR A OG1 1 
ATOM   265 C CG2 . THR A 1 33 ? 0.610   10.157  -0.861  1.00 26.44 ? 32  THR A CG2 1 
ATOM   266 N N   . LYS A 1 34 ? 1.585   10.408  3.521   1.00 29.18 ? 33  LYS A N   1 
ATOM   267 C CA  . LYS A 1 34 ? 1.998   11.044  4.773   1.00 30.20 ? 33  LYS A CA  1 
ATOM   268 C C   . LYS A 1 34 ? 2.784   10.189  5.767   1.00 30.22 ? 33  LYS A C   1 
ATOM   269 O O   . LYS A 1 34 ? 3.664   10.701  6.466   1.00 29.76 ? 33  LYS A O   1 
ATOM   270 C CB  . LYS A 1 34 ? 0.773   11.637  5.474   1.00 31.79 ? 33  LYS A CB  1 
ATOM   271 C CG  . LYS A 1 34 ? 0.015   12.647  4.616   1.00 34.19 ? 33  LYS A CG  1 
ATOM   272 C CD  . LYS A 1 34 ? -1.200  13.205  5.346   1.00 37.12 ? 33  LYS A CD  1 
ATOM   273 C CE  . LYS A 1 34 ? -2.013  14.115  4.437   1.00 38.64 ? 33  LYS A CE  1 
ATOM   274 N NZ  . LYS A 1 34 ? -1.191  15.236  3.888   1.00 39.63 ? 33  LYS A NZ  1 
ATOM   275 N N   . VAL A 1 35 ? 2.477   8.900   5.846   1.00 29.77 ? 34  VAL A N   1 
ATOM   276 C CA  . VAL A 1 35 ? 3.186   8.033   6.781   1.00 29.66 ? 34  VAL A CA  1 
ATOM   277 C C   . VAL A 1 35 ? 4.370   7.302   6.152   1.00 29.36 ? 34  VAL A C   1 
ATOM   278 O O   . VAL A 1 35 ? 5.415   7.166   6.779   1.00 29.67 ? 34  VAL A O   1 
ATOM   279 C CB  . VAL A 1 35 ? 2.240   6.986   7.412   1.00 30.01 ? 34  VAL A CB  1 
ATOM   280 C CG1 . VAL A 1 35 ? 3.012   6.101   8.383   1.00 30.29 ? 34  VAL A CG1 1 
ATOM   281 C CG2 . VAL A 1 35 ? 1.101   7.684   8.135   1.00 30.36 ? 34  VAL A CG2 1 
ATOM   282 N N   . TYR A 1 36 ? 4.226   6.839   4.916   1.00 28.91 ? 35  TYR A N   1 
ATOM   283 C CA  . TYR A 1 36 ? 5.324   6.118   4.282   1.00 28.45 ? 35  TYR A CA  1 
ATOM   284 C C   . TYR A 1 36 ? 6.007   6.864   3.149   1.00 28.74 ? 35  TYR A C   1 
ATOM   285 O O   . TYR A 1 36 ? 6.837   6.299   2.439   1.00 29.06 ? 35  TYR A O   1 
ATOM   286 C CB  . TYR A 1 36 ? 4.846   4.749   3.797   1.00 27.66 ? 35  TYR A CB  1 
ATOM   287 C CG  . TYR A 1 36 ? 4.292   3.899   4.915   1.00 26.36 ? 35  TYR A CG  1 
ATOM   288 C CD1 . TYR A 1 36 ? 5.147   3.187   5.758   1.00 26.66 ? 35  TYR A CD1 1 
ATOM   289 C CD2 . TYR A 1 36 ? 2.926   3.856   5.175   1.00 26.14 ? 35  TYR A CD2 1 
ATOM   290 C CE1 . TYR A 1 36 ? 4.654   2.453   6.833   1.00 26.40 ? 35  TYR A CE1 1 
ATOM   291 C CE2 . TYR A 1 36 ? 2.419   3.123   6.249   1.00 26.27 ? 35  TYR A CE2 1 
ATOM   292 C CZ  . TYR A 1 36 ? 3.289   2.426   7.072   1.00 26.67 ? 35  TYR A CZ  1 
ATOM   293 O OH  . TYR A 1 36 ? 2.797   1.695   8.126   1.00 27.63 ? 35  TYR A OH  1 
ATOM   294 N N   . TYR A 1 37 ? 5.654   8.135   2.998   1.00 28.66 ? 36  TYR A N   1 
ATOM   295 C CA  . TYR A 1 37 ? 6.218   9.003   1.973   1.00 29.47 ? 36  TYR A CA  1 
ATOM   296 C C   . TYR A 1 37 ? 6.210   8.419   0.563   1.00 28.80 ? 36  TYR A C   1 
ATOM   297 O O   . TYR A 1 37 ? 7.164   8.605   -0.190  1.00 29.22 ? 36  TYR A O   1 
ATOM   298 C CB  . TYR A 1 37 ? 7.657   9.400   2.335   1.00 31.78 ? 36  TYR A CB  1 
ATOM   299 C CG  . TYR A 1 37 ? 7.844   9.820   3.777   1.00 33.43 ? 36  TYR A CG  1 
ATOM   300 C CD1 . TYR A 1 37 ? 8.133   8.877   4.756   1.00 34.58 ? 36  TYR A CD1 1 
ATOM   301 C CD2 . TYR A 1 37 ? 7.694   11.151  4.166   1.00 34.41 ? 36  TYR A CD2 1 
ATOM   302 C CE1 . TYR A 1 37 ? 8.273   9.242   6.091   1.00 36.11 ? 36  TYR A CE1 1 
ATOM   303 C CE2 . TYR A 1 37 ? 7.832   11.529  5.507   1.00 35.37 ? 36  TYR A CE2 1 
ATOM   304 C CZ  . TYR A 1 37 ? 8.122   10.565  6.460   1.00 36.04 ? 36  TYR A CZ  1 
ATOM   305 O OH  . TYR A 1 37 ? 8.266   10.904  7.787   1.00 37.88 ? 36  TYR A OH  1 
ATOM   306 N N   . ALA A 1 38 ? 5.140   7.721   0.196   1.00 27.86 ? 37  ALA A N   1 
ATOM   307 C CA  . ALA A 1 38 ? 5.045   7.149   -1.147  1.00 26.59 ? 37  ALA A CA  1 
ATOM   308 C C   . ALA A 1 38 ? 4.360   8.174   -2.052  1.00 26.35 ? 37  ALA A C   1 
ATOM   309 O O   . ALA A 1 38 ? 3.994   9.256   -1.594  1.00 26.17 ? 37  ALA A O   1 
ATOM   310 C CB  . ALA A 1 38 ? 4.251   5.857   -1.113  1.00 25.96 ? 37  ALA A CB  1 
ATOM   311 N N   . GLU A 1 39 ? 4.175   7.834   -3.326  1.00 26.11 ? 38  GLU A N   1 
ATOM   312 C CA  . GLU A 1 39 ? 3.544   8.751   -4.279  1.00 26.59 ? 38  GLU A CA  1 
ATOM   313 C C   . GLU A 1 39 ? 2.018   8.740   -4.193  1.00 25.56 ? 38  GLU A C   1 
ATOM   314 O O   . GLU A 1 39 ? 1.373   9.758   -4.409  1.00 24.67 ? 38  GLU A O   1 
ATOM   315 C CB  . GLU A 1 39 ? 3.968   8.404   -5.710  1.00 29.09 ? 38  GLU A CB  1 
ATOM   316 C CG  . GLU A 1 39 ? 5.468   8.417   -5.944  1.00 33.42 ? 38  GLU A CG  1 
ATOM   317 C CD  . GLU A 1 39 ? 5.837   8.049   -7.373  1.00 35.80 ? 38  GLU A CD  1 
ATOM   318 O OE1 . GLU A 1 39 ? 5.389   6.986   -7.852  1.00 38.10 ? 38  GLU A OE1 1 
ATOM   319 O OE2 . GLU A 1 39 ? 6.581   8.817   -8.016  1.00 37.47 ? 38  GLU A OE2 1 
ATOM   320 N N   . SER A 1 40 ? 1.448   7.577   -3.888  1.00 24.55 ? 39  SER A N   1 
ATOM   321 C CA  . SER A 1 40 ? 0.003   7.438   -3.771  1.00 23.30 ? 39  SER A CA  1 
ATOM   322 C C   . SER A 1 40 ? -0.340  6.048   -3.246  1.00 22.36 ? 39  SER A C   1 
ATOM   323 O O   . SER A 1 40 ? 0.547   5.248   -2.949  1.00 22.30 ? 39  SER A O   1 
ATOM   324 C CB  . SER A 1 40 ? -0.668  7.643   -5.130  1.00 23.16 ? 39  SER A CB  1 
ATOM   325 O OG  . SER A 1 40 ? -0.319  6.605   -6.034  1.00 23.49 ? 39  SER A OG  1 
ATOM   326 N N   . GLY A 1 41 ? -1.632  5.765   -3.136  1.00 21.44 ? 40  GLY A N   1 
ATOM   327 C CA  . GLY A 1 41 ? -2.057  4.462   -2.656  1.00 20.88 ? 40  GLY A CA  1 
ATOM   328 C C   . GLY A 1 41 ? -3.563  4.304   -2.634  1.00 20.35 ? 40  GLY A C   1 
ATOM   329 O O   . GLY A 1 41 ? -4.302  5.275   -2.830  1.00 20.03 ? 40  GLY A O   1 
ATOM   330 N N   . TYR A 1 42 ? -4.019  3.074   -2.416  1.00 19.20 ? 41  TYR A N   1 
ATOM   331 C CA  . TYR A 1 42 ? -5.443  2.780   -2.342  1.00 19.56 ? 41  TYR A CA  1 
ATOM   332 C C   . TYR A 1 42 ? -5.608  1.471   -1.580  1.00 19.39 ? 41  TYR A C   1 
ATOM   333 O O   . TYR A 1 42 ? -4.615  0.855   -1.184  1.00 19.50 ? 41  TYR A O   1 
ATOM   334 C CB  . TYR A 1 42 ? -6.053  2.692   -3.751  1.00 20.21 ? 41  TYR A CB  1 
ATOM   335 C CG  . TYR A 1 42 ? -5.734  1.439   -4.552  1.00 21.39 ? 41  TYR A CG  1 
ATOM   336 C CD1 . TYR A 1 42 ? -4.516  1.294   -5.213  1.00 22.15 ? 41  TYR A CD1 1 
ATOM   337 C CD2 . TYR A 1 42 ? -6.677  0.418   -4.684  1.00 21.84 ? 41  TYR A CD2 1 
ATOM   338 C CE1 . TYR A 1 42 ? -4.247  0.160   -5.994  1.00 23.59 ? 41  TYR A CE1 1 
ATOM   339 C CE2 . TYR A 1 42 ? -6.422  -0.713  -5.459  1.00 22.27 ? 41  TYR A CE2 1 
ATOM   340 C CZ  . TYR A 1 42 ? -5.211  -0.835  -6.113  1.00 23.36 ? 41  TYR A CZ  1 
ATOM   341 O OH  . TYR A 1 42 ? -4.978  -1.940  -6.898  1.00 23.99 ? 41  TYR A OH  1 
ATOM   342 N N   . CYS A 1 43 ? -6.850  1.058   -1.356  1.00 19.34 ? 42  CYS A N   1 
ATOM   343 C CA  . CYS A 1 43 ? -7.118  -0.172  -0.628  1.00 19.87 ? 42  CYS A CA  1 
ATOM   344 C C   . CYS A 1 43 ? -7.177  -1.346  -1.595  1.00 20.70 ? 42  CYS A C   1 
ATOM   345 O O   . CYS A 1 43 ? -8.103  -1.439  -2.410  1.00 20.92 ? 42  CYS A O   1 
ATOM   346 C CB  . CYS A 1 43 ? -8.452  -0.071  0.116   1.00 20.30 ? 42  CYS A CB  1 
ATOM   347 S SG  . CYS A 1 43 ? -8.781  -1.437  1.281   1.00 20.89 ? 42  CYS A SG  1 
ATOM   348 N N   . CYS A 1 44 ? -6.184  -2.229  -1.525  1.00 20.57 ? 43  CYS A N   1 
ATOM   349 C CA  . CYS A 1 44 ? -6.168  -3.401  -2.392  1.00 20.80 ? 43  CYS A CA  1 
ATOM   350 C C   . CYS A 1 44 ? -6.365  -4.644  -1.529  1.00 20.84 ? 43  CYS A C   1 
ATOM   351 O O   . CYS A 1 44 ? -5.488  -5.033  -0.765  1.00 18.91 ? 43  CYS A O   1 
ATOM   352 C CB  . CYS A 1 44 ? -4.845  -3.547  -3.150  1.00 20.35 ? 43  CYS A CB  1 
ATOM   353 S SG  . CYS A 1 44 ? -4.972  -4.821  -4.449  1.00 21.46 ? 43  CYS A SG  1 
ATOM   354 N N   . TRP A 1 45 ? -7.539  -5.242  -1.649  1.00 22.22 ? 44  TRP A N   1 
ATOM   355 C CA  . TRP A 1 45 ? -7.888  -6.446  -0.913  1.00 23.76 ? 44  TRP A CA  1 
ATOM   356 C C   . TRP A 1 45 ? -7.743  -6.369  0.601   1.00 22.86 ? 44  TRP A C   1 
ATOM   357 O O   . TRP A 1 45 ? -7.084  -7.205  1.211   1.00 21.31 ? 44  TRP A O   1 
ATOM   358 C CB  . TRP A 1 45 ? -7.080  -7.634  -1.436  1.00 27.61 ? 44  TRP A CB  1 
ATOM   359 C CG  . TRP A 1 45 ? -7.859  -8.890  -1.319  1.00 33.21 ? 44  TRP A CG  1 
ATOM   360 C CD1 . TRP A 1 45 ? -7.618  -9.947  -0.486  1.00 33.67 ? 44  TRP A CD1 1 
ATOM   361 C CD2 . TRP A 1 45 ? -9.072  -9.190  -2.011  1.00 34.27 ? 44  TRP A CD2 1 
ATOM   362 N NE1 . TRP A 1 45 ? -8.613  -10.886 -0.620  1.00 35.34 ? 44  TRP A NE1 1 
ATOM   363 C CE2 . TRP A 1 45 ? -9.517  -10.446 -1.550  1.00 35.06 ? 44  TRP A CE2 1 
ATOM   364 C CE3 . TRP A 1 45 ? -9.827  -8.515  -2.981  1.00 35.91 ? 44  TRP A CE3 1 
ATOM   365 C CZ2 . TRP A 1 45 ? -10.687 -11.044 -2.023  1.00 35.87 ? 44  TRP A CZ2 1 
ATOM   366 C CZ3 . TRP A 1 45 ? -10.992 -9.110  -3.452  1.00 36.89 ? 44  TRP A CZ3 1 
ATOM   367 C CH2 . TRP A 1 45 ? -11.408 -10.363 -2.970  1.00 36.34 ? 44  TRP A CH2 1 
ATOM   368 N N   . GLY A 1 46 ? -8.358  -5.362  1.207   1.00 22.03 ? 45  GLY A N   1 
ATOM   369 C CA  . GLY A 1 46 ? -8.311  -5.246  2.652   1.00 21.98 ? 45  GLY A CA  1 
ATOM   370 C C   . GLY A 1 46 ? -7.106  -4.594  3.301   1.00 21.66 ? 45  GLY A C   1 
ATOM   371 O O   . GLY A 1 46 ? -7.051  -4.527  4.527   1.00 21.70 ? 45  GLY A O   1 
ATOM   372 N N   . ALA A 1 47 ? -6.151  -4.110  2.508   1.00 21.10 ? 46  ALA A N   1 
ATOM   373 C CA  . ALA A 1 47 ? -4.962  -3.466  3.061   1.00 19.85 ? 46  ALA A CA  1 
ATOM   374 C C   . ALA A 1 47 ? -4.469  -2.355  2.145   1.00 19.69 ? 46  ALA A C   1 
ATOM   375 O O   . ALA A 1 47 ? -4.631  -2.429  0.924   1.00 18.74 ? 46  ALA A O   1 
ATOM   376 C CB  . ALA A 1 47 ? -3.856  -4.502  3.276   1.00 21.21 ? 46  ALA A CB  1 
ATOM   377 N N   . CYS A 1 48 ? -3.874  -1.319  2.733   1.00 18.94 ? 47  CYS A N   1 
ATOM   378 C CA  . CYS A 1 48 ? -3.375  -0.209  1.939   1.00 19.24 ? 47  CYS A CA  1 
ATOM   379 C C   . CYS A 1 48 ? -2.156  -0.619  1.126   1.00 18.68 ? 47  CYS A C   1 
ATOM   380 O O   . CYS A 1 48 ? -1.157  -1.091  1.667   1.00 19.15 ? 47  CYS A O   1 
ATOM   381 C CB  . CYS A 1 48 ? -3.033  0.996   2.825   1.00 19.37 ? 47  CYS A CB  1 
ATOM   382 S SG  . CYS A 1 48 ? -4.472  1.723   3.680   1.00 19.95 ? 47  CYS A SG  1 
ATOM   383 N N   . TYR A 1 49 ? -2.266  -0.435  -0.183  1.00 18.76 ? 48  TYR A N   1 
ATOM   384 C CA  . TYR A 1 49 ? -1.208  -0.757  -1.135  1.00 19.10 ? 48  TYR A CA  1 
ATOM   385 C C   . TYR A 1 49 ? -0.687  0.597   -1.625  1.00 19.79 ? 48  TYR A C   1 
ATOM   386 O O   . TYR A 1 49 ? -1.480  1.445   -2.048  1.00 18.56 ? 48  TYR A O   1 
ATOM   387 C CB  . TYR A 1 49 ? -1.805  -1.529  -2.307  1.00 19.12 ? 48  TYR A CB  1 
ATOM   388 C CG  . TYR A 1 49 ? -0.793  -2.122  -3.257  1.00 20.38 ? 48  TYR A CG  1 
ATOM   389 C CD1 . TYR A 1 49 ? -0.158  -3.328  -2.964  1.00 20.16 ? 48  TYR A CD1 1 
ATOM   390 C CD2 . TYR A 1 49 ? -0.468  -1.478  -4.450  1.00 20.45 ? 48  TYR A CD2 1 
ATOM   391 C CE1 . TYR A 1 49 ? 0.773   -3.885  -3.835  1.00 20.68 ? 48  TYR A CE1 1 
ATOM   392 C CE2 . TYR A 1 49 ? 0.465   -2.027  -5.330  1.00 22.04 ? 48  TYR A CE2 1 
ATOM   393 C CZ  . TYR A 1 49 ? 1.080   -3.233  -5.012  1.00 21.32 ? 48  TYR A CZ  1 
ATOM   394 O OH  . TYR A 1 49 ? 2.011   -3.779  -5.865  1.00 22.76 ? 48  TYR A OH  1 
ATOM   395 N N   . CYS A 1 50 ? 0.630   0.799   -1.576  1.00 20.04 ? 49  CYS A N   1 
ATOM   396 C CA  . CYS A 1 50 ? 1.226   2.070   -1.984  1.00 21.13 ? 49  CYS A CA  1 
ATOM   397 C C   . CYS A 1 50 ? 2.093   1.964   -3.231  1.00 22.28 ? 49  CYS A C   1 
ATOM   398 O O   . CYS A 1 50 ? 2.670   0.916   -3.505  1.00 23.37 ? 49  CYS A O   1 
ATOM   399 C CB  . CYS A 1 50 ? 2.102   2.628   -0.859  1.00 21.84 ? 49  CYS A CB  1 
ATOM   400 S SG  . CYS A 1 50 ? 1.331   2.695   0.784   1.00 21.31 ? 49  CYS A SG  1 
ATOM   401 N N   . PHE A 1 51 ? 2.181   3.066   -3.974  1.00 22.64 ? 50  PHE A N   1 
ATOM   402 C CA  . PHE A 1 51 ? 3.006   3.141   -5.179  1.00 23.33 ? 50  PHE A CA  1 
ATOM   403 C C   . PHE A 1 51 ? 4.132   4.132   -4.928  1.00 23.33 ? 50  PHE A C   1 
ATOM   404 O O   . PHE A 1 51 ? 3.941   5.133   -4.243  1.00 23.77 ? 50  PHE A O   1 
ATOM   405 C CB  . PHE A 1 51 ? 2.207   3.641   -6.392  1.00 23.02 ? 50  PHE A CB  1 
ATOM   406 C CG  . PHE A 1 51 ? 1.084   2.738   -6.807  1.00 24.33 ? 50  PHE A CG  1 
ATOM   407 C CD1 . PHE A 1 51 ? -0.150  2.798   -6.172  1.00 24.10 ? 50  PHE A CD1 1 
ATOM   408 C CD2 . PHE A 1 51 ? 1.268   1.815   -7.832  1.00 23.51 ? 50  PHE A CD2 1 
ATOM   409 C CE1 . PHE A 1 51 ? -1.186  1.952   -6.555  1.00 24.64 ? 50  PHE A CE1 1 
ATOM   410 C CE2 . PHE A 1 51 ? 0.238   0.965   -8.220  1.00 23.21 ? 50  PHE A CE2 1 
ATOM   411 C CZ  . PHE A 1 51 ? -0.988  1.034   -7.582  1.00 23.60 ? 50  PHE A CZ  1 
ATOM   412 N N   . GLY A 1 52 ? 5.307   3.854   -5.476  1.00 24.39 ? 51  GLY A N   1 
ATOM   413 C CA  . GLY A 1 52 ? 6.417   4.774   -5.304  1.00 25.48 ? 51  GLY A CA  1 
ATOM   414 C C   . GLY A 1 52 ? 7.067   4.811   -3.936  1.00 26.61 ? 51  GLY A C   1 
ATOM   415 O O   . GLY A 1 52 ? 7.512   5.868   -3.490  1.00 27.37 ? 51  GLY A O   1 
ATOM   416 N N   . LEU A 1 53 ? 7.112   3.670   -3.259  1.00 26.87 ? 52  LEU A N   1 
ATOM   417 C CA  . LEU A 1 53 ? 7.755   3.585   -1.954  1.00 27.46 ? 52  LEU A CA  1 
ATOM   418 C C   . LEU A 1 53 ? 9.255   3.540   -2.207  1.00 28.59 ? 52  LEU A C   1 
ATOM   419 O O   . LEU A 1 53 ? 9.702   3.016   -3.227  1.00 27.84 ? 52  LEU A O   1 
ATOM   420 C CB  . LEU A 1 53 ? 7.364   2.294   -1.233  1.00 25.82 ? 52  LEU A CB  1 
ATOM   421 C CG  . LEU A 1 53 ? 5.939   2.063   -0.729  1.00 25.17 ? 52  LEU A CG  1 
ATOM   422 C CD1 . LEU A 1 53 ? 5.771   0.602   -0.367  1.00 24.19 ? 52  LEU A CD1 1 
ATOM   423 C CD2 . LEU A 1 53 ? 5.661   2.959   0.465   1.00 24.06 ? 52  LEU A CD2 1 
ATOM   424 N N   . GLU A 1 54 ? 10.034  4.079   -1.280  1.00 29.92 ? 53  GLU A N   1 
ATOM   425 C CA  . GLU A 1 54 ? 11.476  4.032   -1.430  1.00 31.83 ? 53  GLU A CA  1 
ATOM   426 C C   . GLU A 1 54 ? 11.858  2.573   -1.200  1.00 31.81 ? 53  GLU A C   1 
ATOM   427 O O   . GLU A 1 54 ? 11.200  1.863   -0.433  1.00 30.78 ? 53  GLU A O   1 
ATOM   428 C CB  . GLU A 1 54 ? 12.132  4.960   -0.415  1.00 33.96 ? 53  GLU A CB  1 
ATOM   429 C CG  . GLU A 1 54 ? 11.653  6.394   -0.578  1.00 37.20 ? 53  GLU A CG  1 
ATOM   430 C CD  . GLU A 1 54 ? 12.312  7.344   0.383   1.00 38.94 ? 53  GLU A CD  1 
ATOM   431 O OE1 . GLU A 1 54 ? 12.233  7.097   1.604   1.00 40.85 ? 53  GLU A OE1 1 
ATOM   432 O OE2 . GLU A 1 54 ? 12.903  8.343   -0.088  1.00 40.85 ? 53  GLU A OE2 1 
ATOM   433 N N   . ASP A 1 55 ? 12.916  2.131   -1.868  1.00 32.18 ? 54  ASP A N   1 
ATOM   434 C CA  . ASP A 1 55 ? 13.349  0.742   -1.793  1.00 33.23 ? 54  ASP A CA  1 
ATOM   435 C C   . ASP A 1 55 ? 13.630  0.189   -0.400  1.00 32.73 ? 54  ASP A C   1 
ATOM   436 O O   . ASP A 1 55 ? 13.499  -1.012  -0.178  1.00 32.62 ? 54  ASP A O   1 
ATOM   437 C CB  . ASP A 1 55 ? 14.584  0.538   -2.677  1.00 35.60 ? 54  ASP A CB  1 
ATOM   438 C CG  . ASP A 1 55 ? 14.950  -0.923  -2.833  1.00 37.42 ? 54  ASP A CG  1 
ATOM   439 O OD1 . ASP A 1 55 ? 14.114  -1.691  -3.357  1.00 39.86 ? 54  ASP A OD1 1 
ATOM   440 O OD2 . ASP A 1 55 ? 16.066  -1.312  -2.433  1.00 38.85 ? 54  ASP A OD2 1 
ATOM   441 N N   . ASP A 1 56 ? 14.005  1.051   0.537   1.00 32.12 ? 55  ASP A N   1 
ATOM   442 C CA  . ASP A 1 56 ? 14.327  0.601   1.887   1.00 33.07 ? 55  ASP A CA  1 
ATOM   443 C C   . ASP A 1 56 ? 13.115  0.338   2.782   1.00 32.35 ? 55  ASP A C   1 
ATOM   444 O O   . ASP A 1 56 ? 13.257  -0.222  3.869   1.00 32.41 ? 55  ASP A O   1 
ATOM   445 C CB  . ASP A 1 56 ? 15.263  1.611   2.557   1.00 35.04 ? 55  ASP A CB  1 
ATOM   446 C CG  . ASP A 1 56 ? 14.637  2.982   2.699   1.00 36.74 ? 55  ASP A CG  1 
ATOM   447 O OD1 . ASP A 1 56 ? 14.118  3.512   1.693   1.00 38.65 ? 55  ASP A OD1 1 
ATOM   448 O OD2 . ASP A 1 56 ? 14.677  3.540   3.815   1.00 38.67 ? 55  ASP A OD2 1 
ATOM   449 N N   . LYS A 1 57 ? 11.929  0.728   2.323   1.00 31.16 ? 56  LYS A N   1 
ATOM   450 C CA  . LYS A 1 57 ? 10.706  0.530   3.099   1.00 30.39 ? 56  LYS A CA  1 
ATOM   451 C C   . LYS A 1 57 ? 10.247  -0.930  3.100   1.00 28.58 ? 56  LYS A C   1 
ATOM   452 O O   . LYS A 1 57 ? 10.016  -1.518  2.048   1.00 28.35 ? 56  LYS A O   1 
ATOM   453 C CB  . LYS A 1 57 ? 9.582   1.418   2.542   1.00 31.27 ? 56  LYS A CB  1 
ATOM   454 C CG  . LYS A 1 57 ? 9.794   2.915   2.736   1.00 33.71 ? 56  LYS A CG  1 
ATOM   455 C CD  . LYS A 1 57 ? 9.762   3.286   4.211   1.00 35.32 ? 56  LYS A CD  1 
ATOM   456 C CE  . LYS A 1 57 ? 9.893   4.791   4.426   1.00 36.46 ? 56  LYS A CE  1 
ATOM   457 N NZ  . LYS A 1 57 ? 11.187  5.337   3.934   1.00 37.76 ? 56  LYS A NZ  1 
ATOM   458 N N   . PRO A 1 58 ? 10.125  -1.539  4.288   1.00 27.39 ? 57  PRO A N   1 
ATOM   459 C CA  . PRO A 1 58 ? 9.686   -2.932  4.368   1.00 26.45 ? 57  PRO A CA  1 
ATOM   460 C C   . PRO A 1 58 ? 8.249   -3.102  3.883   1.00 26.05 ? 57  PRO A C   1 
ATOM   461 O O   . PRO A 1 58 ? 7.356   -2.366  4.294   1.00 26.08 ? 57  PRO A O   1 
ATOM   462 C CB  . PRO A 1 58 ? 9.832   -3.248  5.857   1.00 27.02 ? 57  PRO A CB  1 
ATOM   463 C CG  . PRO A 1 58 ? 10.937  -2.289  6.297   1.00 27.98 ? 57  PRO A CG  1 
ATOM   464 C CD  . PRO A 1 58 ? 10.421  -1.034  5.638   1.00 27.58 ? 57  PRO A CD  1 
ATOM   465 N N   . ILE A 1 59 ? 8.033   -4.062  2.993   1.00 25.62 ? 58  ILE A N   1 
ATOM   466 C CA  . ILE A 1 59 ? 6.699   -4.330  2.486   1.00 25.77 ? 58  ILE A CA  1 
ATOM   467 C C   . ILE A 1 59 ? 6.340   -5.781  2.749   1.00 26.41 ? 58  ILE A C   1 
ATOM   468 O O   . ILE A 1 59 ? 7.218   -6.621  2.949   1.00 26.54 ? 58  ILE A O   1 
ATOM   469 C CB  . ILE A 1 59 ? 6.579   -4.024  0.972   1.00 25.36 ? 58  ILE A CB  1 
ATOM   470 C CG1 . ILE A 1 59 ? 7.659   -4.773  0.191   1.00 24.60 ? 58  ILE A CG1 1 
ATOM   471 C CG2 . ILE A 1 59 ? 6.653   -2.521  0.745   1.00 23.95 ? 58  ILE A CG2 1 
ATOM   472 C CD1 . ILE A 1 59 ? 7.593   -4.550  -1.312  1.00 25.91 ? 58  ILE A CD1 1 
ATOM   473 N N   . GLY A 1 60 ? 5.047   -6.068  2.764   1.00 27.45 ? 59  GLY A N   1 
ATOM   474 C CA  . GLY A 1 60 ? 4.596   -7.416  3.028   1.00 28.46 ? 59  GLY A CA  1 
ATOM   475 C C   . GLY A 1 60 ? 4.748   -8.354  1.851   1.00 29.80 ? 59  GLY A C   1 
ATOM   476 O O   . GLY A 1 60 ? 4.608   -7.948  0.700   1.00 29.17 ? 59  GLY A O   1 
ATOM   477 N N   . PRO A 1 61 ? 5.072   -9.623  2.115   1.00 31.30 ? 60  PRO A N   1 
ATOM   478 C CA  . PRO A 1 61 ? 5.229   -10.604 1.040   1.00 32.29 ? 60  PRO A CA  1 
ATOM   479 C C   . PRO A 1 61 ? 3.882   -10.786 0.345   1.00 32.61 ? 60  PRO A C   1 
ATOM   480 O O   . PRO A 1 61 ? 2.833   -10.611 0.962   1.00 33.28 ? 60  PRO A O   1 
ATOM   481 C CB  . PRO A 1 61 ? 5.669   -11.857 1.795   1.00 32.18 ? 60  PRO A CB  1 
ATOM   482 C CG  . PRO A 1 61 ? 6.409   -11.263 3.007   1.00 32.57 ? 60  PRO A CG  1 
ATOM   483 C CD  . PRO A 1 61 ? 5.364   -10.250 3.414   1.00 31.79 ? 60  PRO A CD  1 
ATOM   484 N N   . MET A 1 62 ? 3.907   -11.119 -0.937  1.00 32.76 ? 61  MET A N   1 
ATOM   485 C CA  . MET A 1 62 ? 2.668   -11.322 -1.674  1.00 33.59 ? 61  MET A CA  1 
ATOM   486 C C   . MET A 1 62 ? 2.924   -12.175 -2.909  1.00 33.81 ? 61  MET A C   1 
ATOM   487 O O   . MET A 1 62 ? 4.006   -12.127 -3.488  1.00 34.02 ? 61  MET A O   1 
ATOM   488 C CB  . MET A 1 62 ? 2.065   -9.963  -2.065  1.00 33.52 ? 61  MET A CB  1 
ATOM   489 C CG  . MET A 1 62 ? 3.021   -9.043  -2.817  1.00 33.51 ? 61  MET A CG  1 
ATOM   490 S SD  . MET A 1 62 ? 2.327   -7.403  -3.215  1.00 32.13 ? 61  MET A SD  1 
ATOM   491 C CE  . MET A 1 62 ? 3.764   -6.620  -3.963  1.00 33.21 ? 61  MET A CE  1 
ATOM   492 N N   . LYS A 1 63 ? 1.935   -12.969 -3.306  1.00 34.02 ? 62  LYS A N   1 
ATOM   493 C CA  . LYS A 1 63 ? 2.096   -13.810 -4.484  1.00 34.90 ? 62  LYS A CA  1 
ATOM   494 C C   . LYS A 1 63 ? 1.996   -12.972 -5.747  1.00 34.33 ? 62  LYS A C   1 
ATOM   495 O O   . LYS A 1 63 ? 1.458   -11.866 -5.727  1.00 33.93 ? 62  LYS A O   1 
ATOM   496 C CB  . LYS A 1 63 ? 1.038   -14.912 -4.516  1.00 36.27 ? 62  LYS A CB  1 
ATOM   497 C CG  . LYS A 1 63 ? 1.068   -15.833 -3.309  1.00 38.16 ? 62  LYS A CG  1 
ATOM   498 C CD  . LYS A 1 63 ? 0.256   -17.098 -3.565  1.00 40.02 ? 62  LYS A CD  1 
ATOM   499 C CE  . LYS A 1 63 ? -1.176  -16.788 -3.955  1.00 40.36 ? 62  LYS A CE  1 
ATOM   500 N NZ  . LYS A 1 63 ? -1.913  -18.032 -4.300  1.00 42.17 ? 62  LYS A NZ  1 
ATOM   501 N N   . ASP A 1 64 ? 2.519   -13.500 -6.847  1.00 34.09 ? 63  ASP A N   1 
ATOM   502 C CA  . ASP A 1 64 ? 2.487   -12.789 -8.118  1.00 33.93 ? 63  ASP A CA  1 
ATOM   503 C C   . ASP A 1 64 ? 1.080   -12.395 -8.538  1.00 32.30 ? 63  ASP A C   1 
ATOM   504 O O   . ASP A 1 64 ? 0.881   -11.329 -9.114  1.00 31.88 ? 63  ASP A O   1 
ATOM   505 C CB  . ASP A 1 64 ? 3.134   -13.634 -9.218  1.00 35.96 ? 63  ASP A CB  1 
ATOM   506 C CG  . ASP A 1 64 ? 4.637   -13.726 -9.071  1.00 38.29 ? 63  ASP A CG  1 
ATOM   507 O OD1 . ASP A 1 64 ? 5.184   -13.102 -8.136  1.00 39.29 ? 63  ASP A OD1 1 
ATOM   508 O OD2 . ASP A 1 64 ? 5.274   -14.414 -9.896  1.00 39.77 ? 63  ASP A OD2 1 
ATOM   509 N N   . ILE A 1 65 ? 0.104   -13.248 -8.249  1.00 31.09 ? 64  ILE A N   1 
ATOM   510 C CA  . ILE A 1 65 ? -1.274  -12.950 -8.622  1.00 30.33 ? 64  ILE A CA  1 
ATOM   511 C C   . ILE A 1 65 ? -1.771  -11.693 -7.911  1.00 29.27 ? 64  ILE A C   1 
ATOM   512 O O   . ILE A 1 65 ? -2.453  -10.861 -8.509  1.00 28.37 ? 64  ILE A O   1 
ATOM   513 C CB  . ILE A 1 65 ? -2.219  -14.133 -8.289  1.00 30.52 ? 64  ILE A CB  1 
ATOM   514 C CG1 . ILE A 1 65 ? -3.631  -13.834 -8.795  1.00 31.44 ? 64  ILE A CG1 1 
ATOM   515 C CG2 . ILE A 1 65 ? -2.243  -14.381 -6.792  1.00 30.68 ? 64  ILE A CG2 1 
ATOM   516 C CD1 . ILE A 1 65 ? -4.620  -14.967 -8.577  1.00 32.49 ? 64  ILE A CD1 1 
ATOM   517 N N   . THR A 1 66 ? -1.415  -11.558 -6.636  1.00 28.78 ? 65  THR A N   1 
ATOM   518 C CA  . THR A 1 66 ? -1.830  -10.412 -5.835  1.00 28.69 ? 65  THR A CA  1 
ATOM   519 C C   . THR A 1 66 ? -1.123  -9.144  -6.287  1.00 28.20 ? 65  THR A C   1 
ATOM   520 O O   . THR A 1 66 ? -1.740  -8.089  -6.382  1.00 27.63 ? 65  THR A O   1 
ATOM   521 C CB  . THR A 1 66 ? -1.531  -10.629 -4.340  1.00 28.94 ? 65  THR A CB  1 
ATOM   522 O OG1 . THR A 1 66 ? -2.191  -11.815 -3.887  1.00 30.55 ? 65  THR A OG1 1 
ATOM   523 C CG2 . THR A 1 66 ? -2.030  -9.448  -3.525  1.00 29.75 ? 65  THR A CG2 1 
ATOM   524 N N   . LYS A 1 67 ? 0.173   -9.248  -6.564  1.00 28.22 ? 66  LYS A N   1 
ATOM   525 C CA  . LYS A 1 67 ? 0.937   -8.090  -7.011  1.00 28.90 ? 66  LYS A CA  1 
ATOM   526 C C   . LYS A 1 67 ? 0.424   -7.525  -8.330  1.00 29.01 ? 66  LYS A C   1 
ATOM   527 O O   . LYS A 1 67 ? 0.263   -6.310  -8.470  1.00 28.69 ? 66  LYS A O   1 
ATOM   528 C CB  . LYS A 1 67 ? 2.422   -8.436  -7.163  1.00 29.60 ? 66  LYS A CB  1 
ATOM   529 C CG  . LYS A 1 67 ? 3.215   -7.296  -7.805  1.00 30.60 ? 66  LYS A CG  1 
ATOM   530 C CD  . LYS A 1 67 ? 4.698   -7.576  -7.883  1.00 31.57 ? 66  LYS A CD  1 
ATOM   531 C CE  . LYS A 1 67 ? 5.406   -6.445  -8.625  1.00 33.01 ? 66  LYS A CE  1 
ATOM   532 N NZ  . LYS A 1 67 ? 5.083   -5.105  -8.051  1.00 32.17 ? 66  LYS A NZ  1 
ATOM   533 N N   . LYS A 1 68 ? 0.185   -8.405  -9.298  1.00 29.51 ? 67  LYS A N   1 
ATOM   534 C CA  . LYS A 1 68 ? -0.308  -7.989  -10.606 1.00 30.79 ? 67  LYS A CA  1 
ATOM   535 C C   . LYS A 1 68 ? -1.682  -7.346  -10.496 1.00 30.33 ? 67  LYS A C   1 
ATOM   536 O O   . LYS A 1 68 ? -1.980  -6.376  -11.197 1.00 30.75 ? 67  LYS A O   1 
ATOM   537 C CB  . LYS A 1 68 ? -0.361  -9.188  -11.562 1.00 32.62 ? 67  LYS A CB  1 
ATOM   538 C CG  . LYS A 1 68 ? 1.014   -9.803  -11.813 1.00 35.61 ? 67  LYS A CG  1 
ATOM   539 C CD  . LYS A 1 68 ? 0.969   -10.936 -12.822 1.00 37.51 ? 67  LYS A CD  1 
ATOM   540 C CE  . LYS A 1 68 ? 2.374   -11.450 -13.099 1.00 38.70 ? 67  LYS A CE  1 
ATOM   541 N NZ  . LYS A 1 68 ? 2.372   -12.545 -14.110 1.00 40.31 ? 67  LYS A NZ  1 
ATOM   542 N N   . TYR A 1 69 ? -2.515  -7.893  -9.618  1.00 29.35 ? 68  TYR A N   1 
ATOM   543 C CA  . TYR A 1 69 ? -3.852  -7.366  -9.394  1.00 28.99 ? 68  TYR A CA  1 
ATOM   544 C C   . TYR A 1 69 ? -3.802  -5.973  -8.754  1.00 28.30 ? 68  TYR A C   1 
ATOM   545 O O   . TYR A 1 69 ? -4.541  -5.078  -9.146  1.00 27.14 ? 68  TYR A O   1 
ATOM   546 C CB  . TYR A 1 69 ? -4.627  -8.298  -8.469  1.00 30.08 ? 68  TYR A CB  1 
ATOM   547 C CG  . TYR A 1 69 ? -5.965  -7.756  -8.021  1.00 31.12 ? 68  TYR A CG  1 
ATOM   548 C CD1 . TYR A 1 69 ? -7.060  -7.733  -8.882  1.00 31.84 ? 68  TYR A CD1 1 
ATOM   549 C CD2 . TYR A 1 69 ? -6.137  -7.268  -6.722  1.00 31.94 ? 68  TYR A CD2 1 
ATOM   550 C CE1 . TYR A 1 69 ? -8.297  -7.244  -8.458  1.00 32.25 ? 68  TYR A CE1 1 
ATOM   551 C CE2 . TYR A 1 69 ? -7.365  -6.777  -6.292  1.00 31.53 ? 68  TYR A CE2 1 
ATOM   552 C CZ  . TYR A 1 69 ? -8.439  -6.770  -7.163  1.00 32.51 ? 68  TYR A CZ  1 
ATOM   553 O OH  . TYR A 1 69 ? -9.659  -6.303  -6.730  1.00 33.71 ? 68  TYR A OH  1 
ATOM   554 N N   . CYS A 1 70 ? -2.931  -5.792  -7.767  1.00 27.76 ? 69  CYS A N   1 
ATOM   555 C CA  . CYS A 1 70 ? -2.849  -4.503  -7.082  1.00 28.62 ? 69  CYS A CA  1 
ATOM   556 C C   . CYS A 1 70 ? -2.170  -3.354  -7.837  1.00 30.47 ? 69  CYS A C   1 
ATOM   557 O O   . CYS A 1 70 ? -2.525  -2.197  -7.631  1.00 30.71 ? 69  CYS A O   1 
ATOM   558 C CB  . CYS A 1 70 ? -2.194  -4.675  -5.704  1.00 25.37 ? 69  CYS A CB  1 
ATOM   559 S SG  . CYS A 1 70 ? -3.135  -5.688  -4.510  1.00 21.89 ? 69  CYS A SG  1 
ATOM   560 N N   . ASP A 1 71 ? -1.205  -3.645  -8.704  1.00 33.69 ? 70  ASP A N   1 
ATOM   561 C CA  . ASP A 1 71 ? -0.535  -2.568  -9.439  1.00 38.14 ? 70  ASP A CA  1 
ATOM   562 C C   . ASP A 1 71 ? -1.423  -1.868  -10.467 1.00 40.73 ? 70  ASP A C   1 
ATOM   563 O O   . ASP A 1 71 ? -1.513  -2.305  -11.609 1.00 41.76 ? 70  ASP A O   1 
ATOM   564 C CB  . ASP A 1 71 ? 0.721   -3.088  -10.141 1.00 37.99 ? 70  ASP A CB  1 
ATOM   565 C CG  . ASP A 1 71 ? 1.827   -3.440  -9.171  1.00 37.80 ? 70  ASP A CG  1 
ATOM   566 O OD1 . ASP A 1 71 ? 2.168   -2.590  -8.327  1.00 38.18 ? 70  ASP A OD1 1 
ATOM   567 O OD2 . ASP A 1 71 ? 2.367   -4.559  -9.259  1.00 38.84 ? 70  ASP A OD2 1 
ATOM   568 N N   . VAL A 1 72 ? -2.064  -0.773  -10.061 1.00 44.47 ? 71  VAL A N   1 
ATOM   569 C CA  . VAL A 1 72 ? -2.946  -0.006  -10.948 1.00 47.59 ? 71  VAL A CA  1 
ATOM   570 C C   . VAL A 1 72 ? -3.087  1.444   -10.453 1.00 49.59 ? 71  VAL A C   1 
ATOM   571 O O   . VAL A 1 72 ? -3.272  1.666   -9.258  1.00 49.89 ? 71  VAL A O   1 
ATOM   572 C CB  . VAL A 1 72 ? -4.377  -0.635  -11.011 1.00 47.43 ? 71  VAL A CB  1 
ATOM   573 C CG1 . VAL A 1 72 ? -5.237  0.130   -12.008 1.00 48.18 ? 71  VAL A CG1 1 
ATOM   574 C CG2 . VAL A 1 72 ? -4.304  -2.100  -11.404 1.00 47.69 ? 71  VAL A CG2 1 
ATOM   575 N N   . GLN A 1 73 ? -2.991  2.411   -11.377 1.00 51.81 ? 72  GLN A N   1 
ATOM   576 C CA  . GLN A 1 73 ? -3.124  3.852   -11.090 1.00 53.67 ? 72  GLN A CA  1 
ATOM   577 C C   . GLN A 1 73 ? -1.869  4.719   -10.941 1.00 55.10 ? 72  GLN A C   1 
ATOM   578 O O   . GLN A 1 73 ? -1.813  5.808   -11.511 1.00 55.25 ? 72  GLN A O   1 
ATOM   579 C CB  . GLN A 1 73 ? -4.012  4.085   -9.859  1.00 53.82 ? 72  GLN A CB  1 
ATOM   580 C CG  . GLN A 1 73 ? -5.430  4.532   -10.177 1.00 54.59 ? 72  GLN A CG  1 
ATOM   581 C CD  . GLN A 1 73 ? -5.484  5.935   -10.763 1.00 54.67 ? 72  GLN A CD  1 
ATOM   582 O OE1 . GLN A 1 73 ? -6.551  6.427   -11.127 1.00 55.31 ? 72  GLN A OE1 1 
ATOM   583 N NE2 . GLN A 1 73 ? -4.331  6.587   -10.848 1.00 54.95 ? 72  GLN A NE2 1 
ATOM   584 N N   . ILE A 1 74 ? -0.876  4.241   -10.191 1.00 56.77 ? 73  ILE A N   1 
ATOM   585 C CA  . ILE A 1 74 ? 0.377   4.967   -9.924  1.00 58.13 ? 73  ILE A CA  1 
ATOM   586 C C   . ILE A 1 74 ? 0.244   6.474   -9.699  1.00 58.84 ? 73  ILE A C   1 
ATOM   587 O O   . ILE A 1 74 ? -0.068  6.869   -8.554  1.00 59.26 ? 73  ILE A O   1 
ATOM   588 C CB  . ILE A 1 74 ? 1.470   4.754   -11.028 1.00 58.59 ? 73  ILE A CB  1 
ATOM   589 C CG1 . ILE A 1 74 ? 0.970   5.188   -12.414 1.00 58.85 ? 73  ILE A CG1 1 
ATOM   590 C CG2 . ILE A 1 74 ? 1.934   3.310   -11.013 1.00 59.24 ? 73  ILE A CG2 1 
ATOM   591 C CD1 . ILE A 1 74 ? 0.022   4.223   -13.105 1.00 58.94 ? 73  ILE A CD1 1 
HETATM 592 O O   . HOH B 2 .  ? -10.804 2.301   -5.327  0.50 44.74 ? 77  HOH A O   1 
HETATM 593 O O   . HOH B 2 .  ? -8.691  4.025   1.124   1.00 21.06 ? 78  HOH A O   1 
HETATM 594 O O   . HOH B 2 .  ? -0.353  -1.786  4.356   1.00 19.24 ? 79  HOH A O   1 
HETATM 595 O O   . HOH B 2 .  ? -9.338  -4.876  -4.057  1.00 34.76 ? 80  HOH A O   1 
HETATM 596 O O   . HOH B 2 .  ? 3.692   -5.901  -0.585  1.00 16.51 ? 81  HOH A O   1 
HETATM 597 O O   . HOH B 2 .  ? -9.353  2.104   -2.121  1.00 27.15 ? 82  HOH A O   1 
HETATM 598 O O   . HOH B 2 .  ? -11.173 6.465   1.855   1.00 27.00 ? 83  HOH A O   1 
HETATM 599 O O   . HOH B 2 .  ? 1.231   -0.579  7.678   1.00 28.85 ? 84  HOH A O   1 
HETATM 600 O O   . HOH B 2 .  ? -10.920 2.201   7.298   1.00 41.08 ? 85  HOH A O   1 
HETATM 601 O O   . HOH B 2 .  ? 8.811   5.992   0.574   1.00 29.14 ? 86  HOH A O   1 
HETATM 602 O O   . HOH B 2 .  ? 4.038   1.774   12.977  1.00 33.20 ? 87  HOH A O   1 
HETATM 603 O O   . HOH B 2 .  ? 6.148   -4.572  17.752  1.00 40.42 ? 88  HOH A O   1 
HETATM 604 O O   . HOH B 2 .  ? 6.933   -0.058  5.819   1.00 33.94 ? 89  HOH A O   1 
HETATM 605 O O   . HOH B 2 .  ? -1.168  -12.613 -1.217  1.00 41.32 ? 90  HOH A O   1 
HETATM 606 O O   . HOH B 2 .  ? 7.321   -2.667  -7.572  1.00 37.25 ? 91  HOH A O   1 
HETATM 607 O O   . HOH B 2 .  ? -6.369  0.772   9.461   1.00 39.48 ? 92  HOH A O   1 
HETATM 608 O O   . HOH B 2 .  ? -9.751  -2.065  -4.423  1.00 45.72 ? 93  HOH A O   1 
HETATM 609 O O   . HOH B 2 .  ? -10.404 -4.282  -0.430  1.00 34.87 ? 94  HOH A O   1 
HETATM 610 O O   . HOH B 2 .  ? 7.488   0.793   9.400   1.00 46.49 ? 95  HOH A O   1 
HETATM 611 O O   . HOH B 2 .  ? -12.031 -7.313  -7.747  1.00 44.50 ? 96  HOH A O   1 
HETATM 612 O O   . HOH B 2 .  ? 7.513   -5.056  -4.620  1.00 48.41 ? 97  HOH A O   1 
HETATM 613 O O   . HOH B 2 .  ? -5.884  11.353  0.151   1.00 42.72 ? 98  HOH A O   1 
HETATM 614 O O   . HOH B 2 .  ? 1.376   -8.682  2.499   1.00 57.99 ? 99  HOH A O   1 
HETATM 615 O O   . HOH B 2 .  ? 4.708   -10.374 -10.408 1.00 43.94 ? 100 HOH A O   1 
HETATM 616 O O   . HOH B 2 .  ? -1.338  10.882  -4.137  1.00 48.04 ? 101 HOH A O   1 
HETATM 617 O O   . HOH B 2 .  ? 14.811  4.642   -3.169  1.00 57.40 ? 102 HOH A O   1 
HETATM 618 O O   . HOH B 2 .  ? -5.055  8.152   6.338   1.00 46.93 ? 103 HOH A O   1 
HETATM 619 O O   . HOH B 2 .  ? -14.172 1.549   8.094   1.00 47.77 ? 104 HOH A O   1 
HETATM 620 O O   . HOH B 2 .  ? -7.830  3.933   -7.011  0.50 31.76 ? 105 HOH A O   1 
HETATM 621 O O   . HOH B 2 .  ? 0.578   -16.426 -8.085  1.00 48.63 ? 106 HOH A O   1 
HETATM 622 O O   . HOH B 2 .  ? -4.298  -2.323  10.630  1.00 52.36 ? 107 HOH A O   1 
HETATM 623 O O   . HOH B 2 .  ? -17.085 2.538   6.929   1.00 48.62 ? 108 HOH A O   1 
HETATM 624 O O   . HOH B 2 .  ? 14.850  -1.491  5.470   1.00 42.12 ? 109 HOH A O   1 
HETATM 625 O O   . HOH B 2 .  ? 8.597   2.218   7.055   1.00 46.76 ? 110 HOH A O   1 
HETATM 626 O O   . HOH B 2 .  ? 4.704   11.923  -0.483  1.00 59.75 ? 111 HOH A O   1 
HETATM 627 O O   . HOH B 2 .  ? -3.973  -11.037 -11.034 1.00 38.41 ? 112 HOH A O   1 
HETATM 628 O O   . HOH B 2 .  ? 7.857   6.067   6.927   1.00 53.14 ? 113 HOH A O   1 
HETATM 629 O O   . HOH B 2 .  ? -11.946 -4.428  3.170   1.00 55.76 ? 114 HOH A O   1 
HETATM 630 O O   . HOH B 2 .  ? 8.490   -8.470  -0.584  1.00 54.94 ? 115 HOH A O   1 
HETATM 631 O O   . HOH B 2 .  ? -3.651  -9.157  0.356   1.00 51.99 ? 116 HOH A O   1 
HETATM 632 O O   . HOH B 2 .  ? -3.347  -6.545  9.379   1.00 67.41 ? 117 HOH A O   1 
HETATM 633 O O   . HOH B 2 .  ? 3.985   -15.214 -0.479  1.00 56.32 ? 118 HOH A O   1 
HETATM 634 O O   . HOH B 2 .  ? -15.128 -3.902  3.250   1.00 48.35 ? 119 HOH A O   1 
HETATM 635 O O   . HOH B 2 .  ? 12.649  -2.219  -6.793  1.00 68.81 ? 120 HOH A O   1 
HETATM 636 O O   . HOH B 2 .  ? 2.863   -5.553  -12.498 1.00 66.71 ? 121 HOH A O   1 
HETATM 637 O O   . HOH B 2 .  ? -0.705  -8.203  7.805   1.00 45.72 ? 122 HOH A O   1 
HETATM 638 O O   . HOH B 2 .  ? 5.801   8.795   9.483   1.00 41.43 ? 123 HOH A O   1 
HETATM 639 O O   . HOH B 2 .  ? 3.536   -17.090 -5.413  1.00 69.28 ? 124 HOH A O   1 
HETATM 640 O O   . HOH B 2 .  ? -5.457  13.621  4.602   1.00 62.17 ? 125 HOH A O   1 
HETATM 641 O O   . HOH B 2 .  ? 1.297   -14.030 -12.449 1.00 61.79 ? 126 HOH A O   1 
HETATM 642 O O   . HOH B 2 .  ? -2.487  -7.811  4.080   1.00 48.82 ? 127 HOH A O   1 
HETATM 643 O O   . HOH B 2 .  ? 0.582   -14.280 -14.847 1.00 67.05 ? 128 HOH A O   1 
HETATM 644 O O   . HOH B 2 .  ? 4.650   11.113  14.049  1.00 62.53 ? 129 HOH A O   1 
HETATM 645 O O   . HOH B 2 .  ? -0.497  -3.742  14.143  1.00 41.46 ? 130 HOH A O   1 
HETATM 646 O O   . HOH B 2 .  ? 11.161  -1.742  -8.549  1.00 63.75 ? 131 HOH A O   1 
HETATM 647 O O   . HOH B 2 .  ? 8.146   -6.994  -5.430  1.00 64.29 ? 132 HOH A O   1 
HETATM 648 O O   . HOH B 2 .  ? -11.072 -2.401  -1.449  1.00 52.86 ? 133 HOH A O   1 
HETATM 649 O O   . HOH B 2 .  ? 2.118   -12.638 -16.941 1.00 66.03 ? 134 HOH A O   1 
HETATM 650 O O   . HOH B 2 .  ? 5.905   -15.127 -13.538 1.00 68.07 ? 135 HOH A O   1 
HETATM 651 O O   . HOH B 2 .  ? 0.011   2.658   8.821   1.00 52.62 ? 136 HOH A O   1 
HETATM 652 O O   . HOH B 2 .  ? -2.625  -8.582  1.917   1.00 68.82 ? 137 HOH A O   1 
HETATM 653 O O   . HOH B 2 .  ? -0.587  2.074   -11.076 1.00 64.09 ? 138 HOH A O   1 
HETATM 654 O O   . HOH B 2 .  ? 9.039   -4.248  -7.575  1.00 64.76 ? 139 HOH A O   1 
HETATM 655 O O   . HOH B 2 .  ? -9.260  -6.000  5.984   1.00 58.69 ? 140 HOH A O   1 
HETATM 656 O O   . HOH B 2 .  ? 6.115   -6.028  19.878  1.00 55.51 ? 141 HOH A O   1 
HETATM 657 O O   . HOH B 2 .  ? 3.994   6.671   11.802  1.00 57.76 ? 142 HOH A O   1 
HETATM 658 O O   . HOH B 2 .  ? 0.654   6.871   -15.458 1.00 59.57 ? 143 HOH A O   1 
HETATM 659 O O   . HOH B 2 .  ? -2.572  14.715  7.533   1.00 67.02 ? 144 HOH A O   1 
HETATM 660 O O   . HOH B 2 .  ? -8.625  -10.882 -4.468  0.50 51.45 ? 145 HOH A O   1 
HETATM 661 O O   . HOH B 2 .  ? -12.367 -4.298  0.539   1.00 62.79 ? 146 HOH A O   1 
HETATM 662 O O   . HOH B 2 .  ? 17.526  1.034   6.330   1.00 74.92 ? 147 HOH A O   1 
HETATM 663 O O   . HOH B 2 .  ? -5.212  14.836  7.108   1.00 56.16 ? 148 HOH A O   1 
# 
